data_3FVX
#
_entry.id   3FVX
#
_cell.length_a   102.881
_cell.length_b   107.439
_cell.length_c   81.686
_cell.angle_alpha   90.00
_cell.angle_beta   112.87
_cell.angle_gamma   90.00
#
_symmetry.space_group_name_H-M   'C 1 2 1'
#
loop_
_entity.id
_entity.type
_entity.pdbx_description
1 polymer 'Kynurenine--oxoglutarate transaminase 1'
2 non-polymer 2-AMINO-2-HYDROXYMETHYL-PROPANE-1,3-DIOL
3 non-polymer 'SODIUM ION'
4 water water
#
_entity_poly.entity_id   1
_entity_poly.type   'polypeptide(L)'
_entity_poly.pdbx_seq_one_letter_code
;MAKQLQARRLDGIDYNPWVEFVKLASEHDVVNLGQGFPDFPPPDFAVEAFQHAVSGDFMLNQYTKTFGYPPLTKILASFF
GELLGQEIDPLRNVLVTVGGYGALFTAFQALVDEGDEVIIIEPFFDCYEPMTMMAGGRPVFVSLKPGPIQNGELGSSSNW
QLDPMELAGKFTSRTKALVLNTPNNPLGKVFSREELELVASLCQQHDVVCITDEVYQWMVYDGHQHISIASLPGMWERTL
TIGSAG(LLP)TFSATGWKVGWVLGPDHIMKHLRTVHQNSVFHCPTQSQAAVAESFEREQLLFRQPSSYFVQFPQAMQRC
RDHMIRSLQSVGLKPIIPQGSYFLITDISDFKRKMPDLPGAVDEPYDRRFVKWMIKNKGLVAIPVSIFYSVPHQKHFDHY
IRFCFVKDEATLQAMDEKLRKWKVEL
;
_entity_poly.pdbx_strand_id   A,B
#
loop_
_chem_comp.id
_chem_comp.type
_chem_comp.name
_chem_comp.formula
NA non-polymer 'SODIUM ION' 'Na 1'
TRS non-polymer 2-AMINO-2-HYDROXYMETHYL-PROPANE-1,3-DIOL 'C4 H12 N O3 1'
#
# COMPACT_ATOMS: atom_id res chain seq x y z
N GLN A 4 -5.39 24.27 11.45
CA GLN A 4 -4.51 23.15 11.90
C GLN A 4 -3.60 22.62 10.79
N LEU A 5 -2.52 21.96 11.17
CA LEU A 5 -1.59 21.35 10.24
C LEU A 5 -2.21 20.20 9.43
N GLN A 6 -2.86 19.29 10.14
CA GLN A 6 -3.36 18.08 9.51
C GLN A 6 -4.74 18.25 8.89
N ALA A 7 -5.04 17.36 7.94
CA ALA A 7 -6.31 17.36 7.27
C ALA A 7 -7.45 16.93 8.20
N ARG A 8 -8.63 17.49 7.99
CA ARG A 8 -9.75 17.20 8.87
C ARG A 8 -10.27 15.78 8.70
N ARG A 9 -9.91 15.13 7.58
CA ARG A 9 -10.34 13.73 7.36
C ARG A 9 -9.82 12.79 8.43
N LEU A 10 -8.79 13.23 9.16
CA LEU A 10 -8.18 12.46 10.24
C LEU A 10 -8.88 12.62 11.59
N ASP A 11 -9.86 13.51 11.67
CA ASP A 11 -10.54 13.74 12.94
C ASP A 11 -11.13 12.45 13.50
N GLY A 12 -10.81 12.15 14.75
CA GLY A 12 -11.41 11.03 15.46
C GLY A 12 -10.92 9.63 15.08
N ILE A 13 -9.90 9.54 14.24
CA ILE A 13 -9.43 8.21 13.80
C ILE A 13 -7.97 7.93 14.11
N ASP A 14 -7.40 8.71 15.03
CA ASP A 14 -5.99 8.59 15.38
C ASP A 14 -5.72 7.54 16.45
N TYR A 15 -6.73 7.16 17.24
CA TYR A 15 -6.47 6.17 18.27
C TYR A 15 -6.44 4.75 17.71
N ASN A 16 -5.30 4.07 17.93
CA ASN A 16 -5.04 2.72 17.45
C ASN A 16 -4.97 1.76 18.65
N PRO A 17 -6.05 0.99 18.87
CA PRO A 17 -6.08 0.10 20.04
C PRO A 17 -5.03 -1.02 19.98
N TRP A 18 -4.67 -1.44 18.77
CA TRP A 18 -3.74 -2.56 18.60
C TRP A 18 -2.33 -2.30 19.14
N VAL A 19 -1.86 -1.07 18.99
CA VAL A 19 -0.56 -0.67 19.53
C VAL A 19 -0.52 -0.89 21.05
N GLU A 20 -1.57 -0.49 21.75
CA GLU A 20 -1.69 -0.73 23.19
C GLU A 20 -1.78 -2.22 23.53
N PHE A 21 -2.55 -2.97 22.75
CA PHE A 21 -2.70 -4.40 22.98
C PHE A 21 -1.36 -5.12 22.93
N VAL A 22 -0.58 -4.85 21.89
CA VAL A 22 0.75 -5.44 21.75
C VAL A 22 1.62 -5.06 22.96
N LYS A 23 1.55 -3.80 23.37
CA LYS A 23 2.33 -3.29 24.51
C LYS A 23 2.14 -4.11 25.78
N LEU A 24 0.90 -4.17 26.26
CA LEU A 24 0.58 -4.86 27.51
C LEU A 24 0.96 -6.35 27.52
N ALA A 25 0.67 -7.05 26.43
CA ALA A 25 1.03 -8.46 26.29
C ALA A 25 2.54 -8.66 26.39
N SER A 26 3.30 -7.78 25.74
CA SER A 26 4.76 -7.87 25.71
C SER A 26 5.41 -7.72 27.10
N GLU A 27 4.67 -7.19 28.06
CA GLU A 27 5.19 -6.91 29.41
C GLU A 27 4.99 -8.06 30.40
N HIS A 28 4.22 -9.07 29.98
CA HIS A 28 3.88 -10.19 30.86
C HIS A 28 4.21 -11.51 30.23
N ASP A 29 4.23 -12.57 31.03
CA ASP A 29 4.45 -13.91 30.53
C ASP A 29 3.11 -14.46 30.08
N VAL A 30 2.87 -14.44 28.78
CA VAL A 30 1.54 -14.75 28.26
C VAL A 30 1.56 -15.83 27.19
N VAL A 31 0.41 -16.47 27.08
CA VAL A 31 0.06 -17.25 25.90
C VAL A 31 -0.80 -16.29 25.09
N ASN A 32 -0.30 -15.91 23.92
CA ASN A 32 -0.95 -14.86 23.17
C ASN A 32 -2.01 -15.36 22.21
N LEU A 33 -3.24 -15.41 22.70
CA LEU A 33 -4.37 -15.82 21.89
C LEU A 33 -5.10 -14.60 21.34
N GLY A 34 -4.47 -13.43 21.47
CA GLY A 34 -4.98 -12.20 20.86
C GLY A 34 -4.54 -12.00 19.42
N GLN A 35 -3.35 -12.49 19.10
CA GLN A 35 -2.78 -12.37 17.76
C GLN A 35 -3.61 -13.16 16.74
N GLY A 36 -4.13 -12.45 15.75
CA GLY A 36 -4.97 -13.06 14.71
C GLY A 36 -4.16 -13.52 13.52
N PHE A 37 -3.14 -14.33 13.80
CA PHE A 37 -2.29 -14.92 12.78
C PHE A 37 -1.62 -16.17 13.32
N PRO A 38 -1.26 -17.11 12.42
CA PRO A 38 -0.61 -18.32 12.89
C PRO A 38 0.74 -18.07 13.56
N ASP A 39 1.07 -18.90 14.55
CA ASP A 39 2.41 -18.91 15.14
C ASP A 39 3.17 -20.17 14.73
N PHE A 40 2.78 -20.71 13.59
CA PHE A 40 3.45 -21.83 12.95
C PHE A 40 3.71 -21.48 11.49
N PRO A 41 4.55 -22.26 10.78
CA PRO A 41 4.84 -21.87 9.39
C PRO A 41 3.68 -21.95 8.40
N PRO A 42 3.76 -21.15 7.33
CA PRO A 42 2.83 -21.40 6.23
C PRO A 42 3.16 -22.78 5.62
N PRO A 43 2.27 -23.30 4.77
CA PRO A 43 2.57 -24.61 4.18
C PRO A 43 3.82 -24.52 3.29
N ASP A 44 4.53 -25.64 3.17
CA ASP A 44 5.77 -25.65 2.42
C ASP A 44 5.61 -25.11 1.00
N PHE A 45 4.53 -25.47 0.30
CA PHE A 45 4.39 -25.03 -1.10
C PHE A 45 4.33 -23.51 -1.21
N ALA A 46 3.79 -22.85 -0.20
CA ALA A 46 3.70 -21.38 -0.22
C ALA A 46 5.07 -20.77 0.04
N VAL A 47 5.75 -21.23 1.09
CA VAL A 47 7.10 -20.72 1.37
C VAL A 47 8.02 -20.98 0.18
N GLU A 48 7.93 -22.18 -0.39
CA GLU A 48 8.72 -22.53 -1.58
C GLU A 48 8.44 -21.62 -2.76
N ALA A 49 7.17 -21.23 -2.95
CA ALA A 49 6.78 -20.35 -4.03
C ALA A 49 7.46 -18.98 -3.91
N PHE A 50 7.57 -18.48 -2.67
CA PHE A 50 8.23 -17.19 -2.43
C PHE A 50 9.73 -17.34 -2.64
N GLN A 51 10.29 -18.43 -2.15
CA GLN A 51 11.71 -18.72 -2.43
C GLN A 51 12.00 -18.76 -3.94
N HIS A 52 11.11 -19.40 -4.70
CA HIS A 52 11.26 -19.47 -6.16
C HIS A 52 11.21 -18.06 -6.77
N ALA A 53 10.28 -17.23 -6.30
CA ALA A 53 10.13 -15.88 -6.87
C ALA A 53 11.32 -14.98 -6.63
N VAL A 54 12.05 -15.20 -5.54
CA VAL A 54 13.19 -14.34 -5.23
C VAL A 54 14.53 -14.93 -5.71
N SER A 55 14.48 -16.11 -6.32
CA SER A 55 15.69 -16.73 -6.87
C SER A 55 15.52 -17.12 -8.34
N GLY A 56 14.44 -16.66 -8.98
CA GLY A 56 14.18 -16.99 -10.38
C GLY A 56 14.62 -15.90 -11.32
N ASP A 57 13.77 -15.58 -12.29
CA ASP A 57 13.99 -14.51 -13.27
C ASP A 57 14.37 -13.24 -12.52
N PHE A 58 15.58 -12.74 -12.74
CA PHE A 58 16.04 -11.58 -11.99
C PHE A 58 15.17 -10.35 -12.22
N MET A 59 14.46 -10.30 -13.34
CA MET A 59 13.61 -9.14 -13.64
C MET A 59 12.38 -9.07 -12.75
N LEU A 60 12.10 -10.16 -12.02
CA LEU A 60 11.06 -10.12 -10.99
C LEU A 60 11.42 -9.14 -9.85
N ASN A 61 12.67 -8.68 -9.78
CA ASN A 61 13.06 -7.64 -8.83
C ASN A 61 12.61 -6.24 -9.23
N GLN A 62 12.11 -6.11 -10.46
CA GLN A 62 11.65 -4.80 -10.97
C GLN A 62 10.12 -4.74 -11.03
N TYR A 63 9.62 -3.54 -11.29
CA TYR A 63 8.19 -3.27 -11.35
C TYR A 63 7.45 -4.27 -12.23
N THR A 64 6.24 -4.61 -11.80
CA THR A 64 5.26 -5.30 -12.64
C THR A 64 4.14 -4.34 -13.05
N LYS A 65 3.08 -4.88 -13.65
CA LYS A 65 1.97 -4.06 -14.12
C LYS A 65 1.18 -3.46 -12.96
N THR A 66 0.70 -2.24 -13.21
CA THR A 66 0.04 -1.43 -12.19
C THR A 66 -1.11 -2.15 -11.49
N PHE A 67 -1.97 -2.81 -12.26
CA PHE A 67 -3.18 -3.40 -11.68
C PHE A 67 -3.03 -4.85 -11.24
N GLY A 68 -1.83 -5.40 -11.43
CA GLY A 68 -1.49 -6.71 -10.90
C GLY A 68 -0.50 -7.46 -11.76
N TYR A 69 0.33 -8.28 -11.11
CA TYR A 69 1.23 -9.20 -11.81
C TYR A 69 0.36 -10.09 -12.69
N PRO A 70 0.55 -10.06 -14.02
CA PRO A 70 -0.37 -10.80 -14.90
C PRO A 70 -0.65 -12.29 -14.58
N PRO A 71 0.39 -13.10 -14.26
CA PRO A 71 0.06 -14.48 -13.86
C PRO A 71 -0.86 -14.57 -12.64
N LEU A 72 -0.78 -13.59 -11.73
CA LEU A 72 -1.67 -13.57 -10.58
C LEU A 72 -3.09 -13.19 -10.97
N THR A 73 -3.23 -12.15 -11.77
CA THR A 73 -4.59 -11.72 -12.11
C THR A 73 -5.26 -12.78 -12.97
N LYS A 74 -4.46 -13.51 -13.76
CA LYS A 74 -4.98 -14.61 -14.58
C LYS A 74 -5.58 -15.72 -13.71
N ILE A 75 -4.83 -16.17 -12.70
CA ILE A 75 -5.31 -17.26 -11.85
C ILE A 75 -6.45 -16.80 -10.92
N LEU A 76 -6.40 -15.57 -10.42
CA LEU A 76 -7.51 -15.07 -9.62
C LEU A 76 -8.79 -15.07 -10.44
N ALA A 77 -8.70 -14.56 -11.67
CA ALA A 77 -9.88 -14.49 -12.56
C ALA A 77 -10.42 -15.88 -12.88
N SER A 78 -9.52 -16.81 -13.14
CA SER A 78 -9.90 -18.21 -13.46
C SER A 78 -10.53 -18.90 -12.25
N PHE A 79 -9.78 -18.92 -11.15
CA PHE A 79 -10.18 -19.65 -9.96
C PHE A 79 -11.45 -19.07 -9.32
N PHE A 80 -11.48 -17.76 -9.12
CA PHE A 80 -12.67 -17.16 -8.53
C PHE A 80 -13.84 -17.02 -9.48
N GLY A 81 -13.55 -16.92 -10.78
CA GLY A 81 -14.61 -16.93 -11.78
C GLY A 81 -15.39 -18.22 -11.69
N GLU A 82 -14.68 -19.33 -11.57
CA GLU A 82 -15.38 -20.62 -11.42
C GLU A 82 -16.16 -20.70 -10.09
N LEU A 83 -15.59 -20.22 -9.01
CA LEU A 83 -16.31 -20.23 -7.72
C LEU A 83 -17.54 -19.31 -7.70
N LEU A 84 -17.43 -18.17 -8.35
CA LEU A 84 -18.51 -17.18 -8.38
C LEU A 84 -19.56 -17.45 -9.45
N GLY A 85 -19.24 -18.37 -10.38
CA GLY A 85 -20.08 -18.61 -11.55
C GLY A 85 -20.14 -17.35 -12.40
N GLN A 86 -18.97 -16.76 -12.64
CA GLN A 86 -18.86 -15.49 -13.34
C GLN A 86 -17.65 -15.47 -14.26
N GLU A 87 -17.81 -14.99 -15.49
CA GLU A 87 -16.66 -14.71 -16.34
C GLU A 87 -15.99 -13.44 -15.84
N ILE A 88 -14.75 -13.59 -15.40
CA ILE A 88 -13.98 -12.48 -14.84
C ILE A 88 -12.81 -12.17 -15.76
N ASP A 89 -12.74 -10.93 -16.23
CA ASP A 89 -11.59 -10.52 -17.04
C ASP A 89 -10.50 -10.01 -16.12
N PRO A 90 -9.28 -10.56 -16.25
CA PRO A 90 -8.17 -10.14 -15.37
C PRO A 90 -7.88 -8.65 -15.40
N LEU A 91 -8.02 -8.00 -16.56
CA LEU A 91 -7.60 -6.61 -16.65
C LEU A 91 -8.67 -5.62 -16.18
N ARG A 92 -9.93 -5.99 -16.30
CA ARG A 92 -11.03 -5.09 -16.02
C ARG A 92 -11.75 -5.39 -14.70
N ASN A 93 -11.61 -6.63 -14.20
CA ASN A 93 -12.39 -7.09 -13.07
C ASN A 93 -11.57 -7.52 -11.86
N VAL A 94 -10.25 -7.40 -11.95
CA VAL A 94 -9.36 -7.79 -10.85
C VAL A 94 -8.39 -6.65 -10.54
N LEU A 95 -8.21 -6.37 -9.25
CA LEU A 95 -7.15 -5.43 -8.81
C LEU A 95 -6.39 -6.07 -7.67
N VAL A 96 -5.07 -6.16 -7.80
CA VAL A 96 -4.23 -6.64 -6.71
C VAL A 96 -3.89 -5.46 -5.81
N THR A 97 -3.98 -5.70 -4.51
CA THR A 97 -3.83 -4.64 -3.50
C THR A 97 -2.89 -5.05 -2.37
N VAL A 98 -2.61 -4.10 -1.48
CA VAL A 98 -1.77 -4.35 -0.31
C VAL A 98 -2.63 -4.96 0.80
N GLY A 99 -2.85 -6.25 0.65
CA GLY A 99 -3.68 -7.00 1.57
C GLY A 99 -5.16 -6.69 1.43
N GLY A 100 -5.94 -7.43 2.20
CA GLY A 100 -7.34 -7.12 2.38
C GLY A 100 -7.54 -5.72 2.92
N TYR A 101 -6.64 -5.25 3.80
CA TYR A 101 -6.75 -3.87 4.30
C TYR A 101 -6.71 -2.88 3.13
N GLY A 102 -5.70 -3.00 2.28
CA GLY A 102 -5.55 -2.09 1.14
C GLY A 102 -6.74 -2.16 0.19
N ALA A 103 -7.30 -3.37 0.04
CA ALA A 103 -8.45 -3.55 -0.83
C ALA A 103 -9.65 -2.79 -0.26
N LEU A 104 -9.88 -2.93 1.04
CA LEU A 104 -10.96 -2.19 1.70
C LEU A 104 -10.77 -0.68 1.53
N PHE A 105 -9.55 -0.22 1.79
CA PHE A 105 -9.26 1.20 1.72
C PHE A 105 -9.52 1.75 0.32
N THR A 106 -9.12 0.97 -0.67
CA THR A 106 -9.28 1.38 -2.07
C THR A 106 -10.76 1.51 -2.40
N ALA A 107 -11.56 0.56 -1.93
CA ALA A 107 -13.00 0.59 -2.14
C ALA A 107 -13.67 1.79 -1.48
N PHE A 108 -13.33 2.05 -0.21
CA PHE A 108 -13.92 3.22 0.47
C PHE A 108 -13.52 4.53 -0.21
N GLN A 109 -12.25 4.67 -0.56
CA GLN A 109 -11.80 5.91 -1.18
C GLN A 109 -12.37 6.13 -2.57
N ALA A 110 -12.73 5.05 -3.26
CA ALA A 110 -13.31 5.17 -4.60
C ALA A 110 -14.76 5.58 -4.55
N LEU A 111 -15.50 5.05 -3.58
CA LEU A 111 -16.96 5.11 -3.60
C LEU A 111 -17.63 5.96 -2.56
N VAL A 112 -17.00 6.10 -1.39
CA VAL A 112 -17.66 6.82 -0.29
C VAL A 112 -17.30 8.29 -0.33
N ASP A 113 -18.33 9.12 -0.32
CA ASP A 113 -18.19 10.56 -0.41
C ASP A 113 -18.86 11.26 0.78
N GLU A 114 -18.59 12.56 0.89
CA GLU A 114 -19.17 13.38 1.94
C GLU A 114 -20.67 13.24 1.92
N GLY A 115 -21.24 12.89 3.06
CA GLY A 115 -22.67 12.71 3.19
C GLY A 115 -23.22 11.30 2.99
N ASP A 116 -22.51 10.48 2.21
CA ASP A 116 -22.97 9.11 1.96
C ASP A 116 -23.08 8.37 3.28
N GLU A 117 -24.01 7.44 3.35
CA GLU A 117 -24.06 6.52 4.49
C GLU A 117 -23.50 5.17 4.10
N VAL A 118 -22.86 4.49 5.06
CA VAL A 118 -22.35 3.16 4.86
C VAL A 118 -22.89 2.29 5.98
N ILE A 119 -23.62 1.23 5.63
CA ILE A 119 -24.14 0.30 6.62
C ILE A 119 -23.09 -0.71 7.04
N ILE A 120 -22.91 -0.80 8.36
CA ILE A 120 -21.90 -1.66 8.98
C ILE A 120 -22.61 -2.58 9.95
N ILE A 121 -22.26 -3.86 9.90
CA ILE A 121 -22.90 -4.89 10.70
C ILE A 121 -22.02 -5.20 11.91
N GLU A 122 -22.57 -5.00 13.11
CA GLU A 122 -21.83 -5.25 14.35
C GLU A 122 -22.02 -6.71 14.77
N PRO A 123 -20.94 -7.34 15.25
CA PRO A 123 -19.59 -6.79 15.46
C PRO A 123 -18.81 -6.71 14.15
N PHE A 124 -18.06 -5.63 13.97
CA PHE A 124 -17.36 -5.38 12.71
C PHE A 124 -15.86 -5.31 12.88
N PHE A 125 -15.14 -5.84 11.89
CA PHE A 125 -13.70 -5.62 11.76
C PHE A 125 -13.47 -4.12 11.90
N ASP A 126 -12.58 -3.75 12.82
CA ASP A 126 -12.65 -2.41 13.40
C ASP A 126 -12.39 -1.28 12.39
N CYS A 127 -11.66 -1.57 11.32
CA CYS A 127 -11.33 -0.52 10.37
C CYS A 127 -12.50 0.00 9.52
N TYR A 128 -13.63 -0.72 9.47
CA TYR A 128 -14.71 -0.27 8.58
C TYR A 128 -15.22 1.12 8.99
N GLU A 129 -15.29 1.37 10.29
CA GLU A 129 -15.79 2.64 10.79
C GLU A 129 -14.86 3.82 10.43
N PRO A 130 -13.58 3.79 10.88
CA PRO A 130 -12.71 4.92 10.53
C PRO A 130 -12.45 5.07 9.03
N MET A 131 -12.45 3.98 8.27
CA MET A 131 -12.32 4.13 6.81
C MET A 131 -13.52 4.86 6.21
N THR A 132 -14.71 4.59 6.74
CA THR A 132 -15.91 5.31 6.28
C THR A 132 -15.75 6.79 6.63
N MET A 133 -15.32 7.06 7.85
CA MET A 133 -15.16 8.43 8.33
C MET A 133 -14.13 9.21 7.51
N MET A 134 -13.01 8.57 7.20
CA MET A 134 -11.94 9.27 6.49
C MET A 134 -12.38 9.64 5.09
N ALA A 135 -13.32 8.88 4.52
CA ALA A 135 -13.88 9.17 3.21
C ALA A 135 -15.08 10.11 3.25
N GLY A 136 -15.37 10.64 4.45
CA GLY A 136 -16.46 11.61 4.63
C GLY A 136 -17.83 10.99 4.82
N GLY A 137 -17.89 9.67 4.89
CA GLY A 137 -19.16 8.98 5.04
C GLY A 137 -19.65 8.97 6.47
N ARG A 138 -20.92 8.62 6.62
CA ARG A 138 -21.58 8.51 7.91
C ARG A 138 -21.86 7.03 8.16
N PRO A 139 -21.17 6.41 9.12
CA PRO A 139 -21.43 5.00 9.41
C PRO A 139 -22.81 4.82 10.04
N VAL A 140 -23.51 3.80 9.60
CA VAL A 140 -24.84 3.47 10.09
C VAL A 140 -24.77 2.00 10.53
N PHE A 141 -25.09 1.75 11.79
CA PHE A 141 -24.83 0.44 12.39
C PHE A 141 -26.08 -0.39 12.59
N VAL A 142 -25.97 -1.68 12.28
CA VAL A 142 -27.01 -2.66 12.59
C VAL A 142 -26.35 -3.78 13.37
N SER A 143 -26.97 -4.20 14.47
CA SER A 143 -26.34 -5.19 15.34
C SER A 143 -26.91 -6.59 15.12
N LEU A 144 -26.04 -7.56 14.89
CA LEU A 144 -26.47 -8.95 15.01
C LEU A 144 -26.96 -9.16 16.44
N LYS A 145 -28.08 -9.88 16.58
CA LYS A 145 -28.65 -10.10 17.89
C LYS A 145 -28.34 -11.49 18.39
N PRO A 146 -27.58 -11.59 19.50
CA PRO A 146 -27.10 -12.82 20.09
C PRO A 146 -28.23 -13.78 20.39
N GLY A 147 -28.00 -15.05 20.10
CA GLY A 147 -28.95 -16.09 20.46
C GLY A 147 -29.06 -16.22 21.97
N PRO A 148 -30.30 -16.26 22.48
CA PRO A 148 -30.54 -16.54 23.90
C PRO A 148 -30.17 -17.99 24.21
N ILE A 149 -29.23 -18.18 25.14
CA ILE A 149 -28.64 -19.52 25.36
C ILE A 149 -29.08 -20.22 26.65
N GLN A 150 -29.32 -21.52 26.51
CA GLN A 150 -29.57 -22.41 27.63
C GLN A 150 -28.23 -23.03 28.04
N ASN A 151 -27.83 -22.83 29.30
CA ASN A 151 -26.47 -23.22 29.73
C ASN A 151 -26.21 -24.74 29.71
N GLY A 152 -27.21 -25.51 29.25
CA GLY A 152 -27.04 -26.93 28.99
C GLY A 152 -26.16 -27.19 27.77
N GLU A 153 -26.26 -26.31 26.77
CA GLU A 153 -25.44 -26.40 25.56
C GLU A 153 -25.00 -25.03 25.03
N LEU A 154 -23.81 -24.98 24.44
CA LEU A 154 -23.18 -23.72 24.02
C LEU A 154 -23.87 -23.07 22.83
N GLY A 155 -23.84 -21.74 22.81
CA GLY A 155 -24.34 -20.94 21.69
C GLY A 155 -23.51 -21.14 20.44
N SER A 156 -24.12 -20.83 19.30
CA SER A 156 -23.47 -20.89 18.00
C SER A 156 -23.51 -19.50 17.36
N SER A 157 -22.44 -19.14 16.67
CA SER A 157 -22.42 -17.90 15.89
C SER A 157 -23.57 -17.82 14.90
N SER A 158 -24.04 -18.98 14.42
CA SER A 158 -25.15 -19.05 13.49
C SER A 158 -26.44 -18.49 14.07
N ASN A 159 -26.56 -18.53 15.40
CA ASN A 159 -27.75 -18.06 16.14
C ASN A 159 -27.78 -16.53 16.28
N TRP A 160 -26.69 -15.86 15.89
CA TRP A 160 -26.67 -14.41 15.92
C TRP A 160 -27.39 -13.87 14.70
N GLN A 161 -28.53 -13.24 14.94
CA GLN A 161 -29.48 -12.95 13.88
C GLN A 161 -29.40 -11.53 13.32
N LEU A 162 -29.56 -11.43 12.01
CA LEU A 162 -29.67 -10.17 11.31
C LEU A 162 -31.16 -9.91 11.08
N ASP A 163 -31.77 -9.06 11.92
CA ASP A 163 -33.22 -8.84 11.85
C ASP A 163 -33.63 -8.15 10.55
N PRO A 164 -34.49 -8.79 9.75
CA PRO A 164 -34.88 -8.23 8.47
C PRO A 164 -35.48 -6.81 8.52
N MET A 165 -36.29 -6.54 9.54
CA MET A 165 -36.93 -5.22 9.65
C MET A 165 -35.94 -4.16 10.10
N GLU A 166 -35.09 -4.53 11.06
CA GLU A 166 -34.08 -3.62 11.56
C GLU A 166 -33.11 -3.25 10.45
N LEU A 167 -32.68 -4.24 9.67
CA LEU A 167 -31.80 -3.99 8.55
C LEU A 167 -32.46 -3.14 7.48
N ALA A 168 -33.70 -3.49 7.10
CA ALA A 168 -34.42 -2.71 6.09
C ALA A 168 -34.54 -1.23 6.46
N GLY A 169 -34.77 -0.97 7.75
CA GLY A 169 -34.91 0.40 8.25
C GLY A 169 -33.65 1.25 8.22
N LYS A 170 -32.51 0.59 7.98
CA LYS A 170 -31.23 1.30 7.93
C LYS A 170 -30.95 1.91 6.57
N PHE A 171 -31.61 1.40 5.55
CA PHE A 171 -31.43 1.88 4.18
C PHE A 171 -32.16 3.21 3.98
N THR A 172 -31.47 4.15 3.33
CA THR A 172 -32.05 5.45 2.98
C THR A 172 -31.56 5.82 1.59
N SER A 173 -32.00 6.99 1.10
CA SER A 173 -31.54 7.48 -0.20
C SER A 173 -30.03 7.79 -0.18
N ARG A 174 -29.47 7.92 1.02
CA ARG A 174 -28.06 8.26 1.16
C ARG A 174 -27.13 7.05 1.30
N THR A 175 -27.70 5.86 1.46
CA THR A 175 -26.86 4.65 1.54
C THR A 175 -26.10 4.43 0.24
N LYS A 176 -24.77 4.42 0.36
CA LYS A 176 -23.87 4.20 -0.76
C LYS A 176 -23.46 2.73 -0.81
N ALA A 177 -23.13 2.18 0.36
CA ALA A 177 -22.60 0.83 0.45
C ALA A 177 -23.03 0.16 1.73
N LEU A 178 -23.01 -1.18 1.70
CA LEU A 178 -23.15 -2.00 2.89
C LEU A 178 -21.89 -2.87 2.93
N VAL A 179 -21.29 -2.97 4.11
CA VAL A 179 -20.10 -3.82 4.26
C VAL A 179 -20.50 -5.15 4.89
N LEU A 180 -20.31 -6.22 4.13
CA LEU A 180 -20.61 -7.57 4.57
C LEU A 180 -19.29 -8.31 4.79
N ASN A 181 -19.07 -8.86 5.99
CA ASN A 181 -17.87 -9.63 6.26
C ASN A 181 -18.31 -11.05 6.59
N THR A 182 -18.01 -12.00 5.72
CA THR A 182 -18.35 -13.40 6.01
C THR A 182 -17.26 -14.31 5.42
N PRO A 183 -16.77 -15.27 6.22
CA PRO A 183 -17.01 -15.45 7.66
C PRO A 183 -16.58 -14.22 8.44
N ASN A 184 -17.32 -13.93 9.51
CA ASN A 184 -17.13 -12.71 10.28
C ASN A 184 -15.98 -12.79 11.31
N ASN A 185 -15.14 -11.76 11.33
CA ASN A 185 -14.25 -11.46 12.46
C ASN A 185 -14.93 -10.32 13.21
N PRO A 186 -15.17 -10.46 14.52
CA PRO A 186 -14.67 -11.43 15.50
C PRO A 186 -15.53 -12.65 15.83
N LEU A 187 -16.76 -12.69 15.33
CA LEU A 187 -17.76 -13.65 15.81
C LEU A 187 -17.65 -15.06 15.23
N GLY A 188 -17.17 -15.15 13.99
CA GLY A 188 -17.02 -16.43 13.32
C GLY A 188 -18.29 -16.91 12.65
N LYS A 189 -19.26 -16.01 12.46
CA LYS A 189 -20.50 -16.36 11.79
C LYS A 189 -20.26 -16.53 10.31
N VAL A 190 -20.86 -17.57 9.74
CA VAL A 190 -20.83 -17.84 8.32
C VAL A 190 -22.26 -17.55 7.83
N PHE A 191 -22.43 -16.51 7.03
CA PHE A 191 -23.77 -16.09 6.62
C PHE A 191 -24.43 -17.13 5.74
N SER A 192 -25.71 -17.40 6.02
CA SER A 192 -26.48 -18.39 5.26
C SER A 192 -26.96 -17.79 3.95
N ARG A 193 -27.42 -18.67 3.05
CA ARG A 193 -28.04 -18.23 1.81
C ARG A 193 -29.21 -17.28 2.07
N GLU A 194 -30.07 -17.66 3.01
CA GLU A 194 -31.22 -16.80 3.32
C GLU A 194 -30.78 -15.39 3.77
N GLU A 195 -29.75 -15.32 4.62
CA GLU A 195 -29.24 -14.03 5.11
C GLU A 195 -28.65 -13.21 3.97
N LEU A 196 -27.93 -13.88 3.08
CA LEU A 196 -27.36 -13.19 1.92
C LEU A 196 -28.42 -12.76 0.92
N GLU A 197 -29.48 -13.56 0.77
CA GLU A 197 -30.61 -13.15 -0.06
C GLU A 197 -31.32 -11.91 0.47
N LEU A 198 -31.37 -11.76 1.80
CA LEU A 198 -31.95 -10.58 2.44
C LEU A 198 -31.12 -9.34 2.10
N VAL A 199 -29.81 -9.44 2.30
CA VAL A 199 -28.89 -8.35 1.99
C VAL A 199 -28.98 -8.00 0.50
N ALA A 200 -28.96 -9.03 -0.36
CA ALA A 200 -29.05 -8.85 -1.82
C ALA A 200 -30.33 -8.11 -2.20
N SER A 201 -31.45 -8.50 -1.58
CA SER A 201 -32.74 -7.91 -1.94
C SER A 201 -32.76 -6.42 -1.64
N LEU A 202 -32.21 -6.05 -0.49
CA LEU A 202 -32.19 -4.66 -0.09
C LEU A 202 -31.18 -3.85 -0.89
N CYS A 203 -30.04 -4.45 -1.23
CA CYS A 203 -29.07 -3.73 -2.05
C CYS A 203 -29.61 -3.45 -3.46
N GLN A 204 -30.35 -4.40 -4.02
CA GLN A 204 -30.96 -4.22 -5.33
C GLN A 204 -32.10 -3.20 -5.26
N GLN A 205 -32.94 -3.31 -4.23
CA GLN A 205 -34.07 -2.37 -4.05
C GLN A 205 -33.58 -0.92 -3.96
N HIS A 206 -32.50 -0.71 -3.21
CA HIS A 206 -32.03 0.64 -2.89
C HIS A 206 -30.88 1.11 -3.77
N ASP A 207 -30.42 0.25 -4.68
CA ASP A 207 -29.27 0.52 -5.56
C ASP A 207 -28.04 0.88 -4.72
N VAL A 208 -27.63 -0.06 -3.88
CA VAL A 208 -26.50 0.08 -2.99
C VAL A 208 -25.42 -0.92 -3.42
N VAL A 209 -24.15 -0.55 -3.22
CA VAL A 209 -23.03 -1.46 -3.50
C VAL A 209 -22.74 -2.32 -2.27
N CYS A 210 -22.56 -3.62 -2.47
CA CYS A 210 -22.13 -4.49 -1.38
C CYS A 210 -20.60 -4.70 -1.44
N ILE A 211 -19.90 -4.24 -0.41
CA ILE A 211 -18.47 -4.46 -0.27
C ILE A 211 -18.36 -5.69 0.60
N THR A 212 -17.90 -6.80 0.03
CA THR A 212 -17.91 -8.07 0.75
C THR A 212 -16.50 -8.58 1.04
N ASP A 213 -16.20 -8.59 2.34
CA ASP A 213 -14.89 -8.94 2.85
C ASP A 213 -14.91 -10.44 3.13
N GLU A 214 -14.32 -11.18 2.20
CA GLU A 214 -14.36 -12.66 2.26
C GLU A 214 -13.00 -13.28 2.60
N VAL A 215 -12.18 -12.57 3.38
CA VAL A 215 -10.83 -13.05 3.60
C VAL A 215 -10.76 -14.44 4.24
N TYR A 216 -11.74 -14.79 5.08
CA TYR A 216 -11.77 -16.10 5.75
C TYR A 216 -12.52 -17.19 4.99
N GLN A 217 -12.73 -16.97 3.70
CA GLN A 217 -13.46 -17.89 2.82
C GLN A 217 -13.18 -19.38 3.06
N TRP A 218 -11.90 -19.73 3.24
CA TRP A 218 -11.50 -21.15 3.30
C TRP A 218 -11.62 -21.72 4.71
N MET A 219 -11.79 -20.83 5.69
CA MET A 219 -11.84 -21.21 7.09
C MET A 219 -13.28 -21.40 7.53
N VAL A 220 -13.84 -22.55 7.12
CA VAL A 220 -15.22 -22.91 7.44
C VAL A 220 -15.21 -24.31 8.07
N TYR A 221 -16.11 -24.50 9.04
CA TYR A 221 -16.14 -25.71 9.88
C TYR A 221 -17.52 -26.37 9.91
N ASP A 222 -17.55 -27.60 10.39
CA ASP A 222 -18.81 -28.30 10.73
C ASP A 222 -19.76 -28.46 9.56
N GLY A 223 -19.21 -28.58 8.35
CA GLY A 223 -20.01 -28.75 7.14
C GLY A 223 -20.61 -27.47 6.58
N HIS A 224 -20.32 -26.34 7.22
CA HIS A 224 -20.83 -25.05 6.73
C HIS A 224 -20.11 -24.60 5.48
N GLN A 225 -20.87 -24.00 4.57
CA GLN A 225 -20.36 -23.64 3.26
C GLN A 225 -20.28 -22.13 3.14
N HIS A 226 -19.15 -21.66 2.60
CA HIS A 226 -19.00 -20.25 2.26
C HIS A 226 -19.81 -19.98 1.02
N ILE A 227 -20.71 -19.00 1.11
CA ILE A 227 -21.42 -18.53 -0.07
C ILE A 227 -21.01 -17.08 -0.31
N SER A 228 -20.65 -16.80 -1.57
CA SER A 228 -20.27 -15.45 -1.96
C SER A 228 -21.48 -14.69 -2.49
N ILE A 229 -21.78 -13.54 -1.90
CA ILE A 229 -22.97 -12.80 -2.31
C ILE A 229 -22.92 -12.38 -3.80
N ALA A 230 -21.71 -12.24 -4.37
CA ALA A 230 -21.59 -11.84 -5.77
C ALA A 230 -22.09 -12.92 -6.72
N SER A 231 -22.29 -14.13 -6.20
CA SER A 231 -22.79 -15.24 -7.02
C SER A 231 -24.30 -15.25 -7.14
N LEU A 232 -24.97 -14.46 -6.32
CA LEU A 232 -26.44 -14.44 -6.33
C LEU A 232 -26.96 -13.65 -7.54
N PRO A 233 -28.20 -13.95 -7.99
CA PRO A 233 -28.72 -13.28 -9.18
C PRO A 233 -28.66 -11.77 -9.10
N GLY A 234 -28.08 -11.14 -10.11
CA GLY A 234 -28.04 -9.69 -10.19
C GLY A 234 -27.06 -9.01 -9.24
N MET A 235 -26.29 -9.80 -8.49
CA MET A 235 -25.38 -9.18 -7.51
C MET A 235 -23.99 -8.84 -8.04
N TRP A 236 -23.51 -9.54 -9.05
CA TRP A 236 -22.18 -9.25 -9.62
C TRP A 236 -22.06 -7.77 -10.00
N GLU A 237 -23.10 -7.21 -10.60
CA GLU A 237 -23.08 -5.83 -11.08
C GLU A 237 -23.04 -4.79 -9.96
N ARG A 238 -23.23 -5.22 -8.72
CA ARG A 238 -23.17 -4.28 -7.60
C ARG A 238 -22.35 -4.74 -6.39
N THR A 239 -21.41 -5.65 -6.61
CA THR A 239 -20.65 -6.19 -5.49
C THR A 239 -19.15 -6.07 -5.76
N LEU A 240 -18.40 -5.75 -4.71
CA LEU A 240 -16.94 -5.83 -4.72
C LEU A 240 -16.55 -6.92 -3.72
N THR A 241 -15.80 -7.91 -4.19
CA THR A 241 -15.43 -9.06 -3.38
C THR A 241 -13.94 -8.99 -3.08
N ILE A 242 -13.60 -9.07 -1.79
CA ILE A 242 -12.23 -8.85 -1.30
C ILE A 242 -11.66 -10.14 -0.71
N GLY A 243 -10.42 -10.44 -1.06
CA GLY A 243 -9.70 -11.57 -0.49
C GLY A 243 -8.30 -11.20 -0.03
N SER A 244 -7.67 -12.10 0.72
CA SER A 244 -6.35 -11.88 1.29
C SER A 244 -5.48 -13.11 1.15
N ALA A 245 -4.33 -12.96 0.54
CA ALA A 245 -3.41 -14.09 0.44
C ALA A 245 -2.94 -14.53 1.82
N GLY A 246 -2.74 -13.55 2.70
CA GLY A 246 -2.26 -13.83 4.05
C GLY A 246 -3.18 -14.79 4.79
N1 LLP A 247 -10.68 -8.16 6.85
C2 LLP A 247 -10.77 -8.98 7.95
C2' LLP A 247 -12.13 -9.35 8.46
C3 LLP A 247 -9.62 -9.42 8.62
O3 LLP A 247 -9.77 -10.14 9.63
C4 LLP A 247 -8.35 -9.06 8.13
C4' LLP A 247 -7.09 -9.78 8.58
C5 LLP A 247 -8.29 -8.22 7.01
C6 LLP A 247 -9.44 -7.78 6.38
C5' LLP A 247 -6.97 -7.74 6.48
OP4 LLP A 247 -6.32 -8.56 5.51
P LLP A 247 -4.77 -8.32 5.16
OP1 LLP A 247 -4.61 -9.17 3.93
OP2 LLP A 247 -4.01 -8.88 6.29
OP3 LLP A 247 -4.56 -6.87 4.94
N LLP A 247 -4.49 -14.56 4.67
CA LLP A 247 -5.45 -15.40 5.39
CB LLP A 247 -6.78 -14.65 5.65
CG LLP A 247 -6.62 -13.26 6.31
CD LLP A 247 -5.95 -13.28 7.69
CE LLP A 247 -5.82 -11.85 8.27
NZ LLP A 247 -7.14 -11.14 8.57
C LLP A 247 -5.70 -16.71 4.65
O LLP A 247 -6.18 -17.68 5.23
N THR A 248 -5.38 -16.75 3.36
CA THR A 248 -5.58 -17.92 2.51
C THR A 248 -4.45 -18.96 2.69
N PHE A 249 -3.22 -18.47 2.73
CA PHE A 249 -2.04 -19.32 2.81
C PHE A 249 -1.28 -19.20 4.14
N SER A 250 -1.93 -18.65 5.16
CA SER A 250 -1.35 -18.57 6.50
C SER A 250 0.01 -17.87 6.47
N ALA A 251 0.03 -16.72 5.80
CA ALA A 251 1.23 -15.95 5.57
C ALA A 251 0.87 -14.48 5.65
N THR A 252 0.47 -14.06 6.84
CA THR A 252 -0.09 -12.72 7.01
C THR A 252 0.89 -11.58 6.66
N GLY A 253 2.18 -11.84 6.79
CA GLY A 253 3.21 -10.86 6.50
C GLY A 253 3.46 -10.65 5.01
N TRP A 254 2.77 -11.41 4.16
CA TRP A 254 2.91 -11.20 2.71
C TRP A 254 2.13 -9.98 2.24
N LYS A 255 1.02 -9.69 2.91
CA LYS A 255 0.22 -8.50 2.64
C LYS A 255 -0.11 -8.32 1.16
N VAL A 256 -0.68 -9.38 0.56
CA VAL A 256 -1.22 -9.32 -0.81
C VAL A 256 -2.71 -9.61 -0.72
N GLY A 257 -3.50 -8.79 -1.39
CA GLY A 257 -4.93 -9.04 -1.46
C GLY A 257 -5.47 -8.65 -2.81
N TRP A 258 -6.78 -8.72 -2.95
CA TRP A 258 -7.39 -8.37 -4.23
C TRP A 258 -8.83 -7.95 -4.06
N VAL A 259 -9.34 -7.24 -5.06
CA VAL A 259 -10.76 -6.97 -5.20
C VAL A 259 -11.17 -7.51 -6.57
N LEU A 260 -12.37 -8.12 -6.59
CA LEU A 260 -13.01 -8.60 -7.82
C LEU A 260 -14.32 -7.86 -7.98
N GLY A 261 -14.61 -7.43 -9.21
CA GLY A 261 -15.89 -6.79 -9.44
C GLY A 261 -16.07 -6.34 -10.87
N PRO A 262 -17.24 -5.76 -11.17
CA PRO A 262 -17.56 -5.33 -12.52
C PRO A 262 -16.79 -4.05 -12.88
N ASP A 263 -16.50 -3.88 -14.17
CA ASP A 263 -15.64 -2.80 -14.63
C ASP A 263 -16.16 -1.41 -14.25
N HIS A 264 -17.48 -1.22 -14.31
CA HIS A 264 -18.05 0.12 -14.06
C HIS A 264 -17.83 0.59 -12.63
N ILE A 265 -17.58 -0.35 -11.71
CA ILE A 265 -17.18 0.01 -10.35
C ILE A 265 -15.65 -0.03 -10.21
N MET A 266 -15.03 -1.11 -10.70
CA MET A 266 -13.59 -1.30 -10.61
C MET A 266 -12.75 -0.17 -11.19
N LYS A 267 -13.23 0.49 -12.25
CA LYS A 267 -12.47 1.58 -12.84
C LYS A 267 -12.14 2.67 -11.82
N HIS A 268 -13.04 2.91 -10.88
CA HIS A 268 -12.82 3.91 -9.83
C HIS A 268 -11.79 3.46 -8.80
N LEU A 269 -11.81 2.16 -8.49
CA LEU A 269 -10.77 1.58 -7.63
C LEU A 269 -9.41 1.66 -8.32
N ARG A 270 -9.37 1.43 -9.64
CA ARG A 270 -8.11 1.62 -10.38
C ARG A 270 -7.62 3.06 -10.27
N THR A 271 -8.55 4.02 -10.34
CA THR A 271 -8.17 5.43 -10.17
C THR A 271 -7.51 5.69 -8.81
N VAL A 272 -8.08 5.14 -7.74
CA VAL A 272 -7.46 5.27 -6.42
C VAL A 272 -6.07 4.62 -6.40
N HIS A 273 -5.99 3.42 -6.94
CA HIS A 273 -4.77 2.63 -6.93
C HIS A 273 -3.62 3.36 -7.61
N GLN A 274 -3.89 3.86 -8.81
CA GLN A 274 -2.82 4.50 -9.59
C GLN A 274 -2.38 5.82 -8.97
N ASN A 275 -3.22 6.40 -8.12
CA ASN A 275 -2.89 7.64 -7.42
C ASN A 275 -2.50 7.45 -5.95
N SER A 276 -2.20 6.22 -5.55
CA SER A 276 -1.78 5.92 -4.18
C SER A 276 -0.50 5.10 -4.20
N VAL A 277 -0.58 3.82 -4.47
CA VAL A 277 0.62 2.99 -4.45
C VAL A 277 1.21 2.69 -5.84
N PHE A 278 0.37 2.76 -6.87
CA PHE A 278 0.73 2.49 -8.27
C PHE A 278 1.09 1.02 -8.57
N HIS A 279 2.03 0.44 -7.85
CA HIS A 279 2.37 -1.00 -8.05
C HIS A 279 2.28 -1.70 -6.74
N CYS A 280 1.93 -2.99 -6.78
CA CYS A 280 2.19 -3.87 -5.65
C CYS A 280 3.53 -4.60 -5.90
N PRO A 281 4.18 -5.08 -4.82
CA PRO A 281 5.45 -5.78 -5.00
C PRO A 281 5.33 -6.98 -5.97
N THR A 282 6.36 -7.19 -6.77
CA THR A 282 6.29 -8.22 -7.82
C THR A 282 6.39 -9.62 -7.27
N GLN A 283 7.34 -9.86 -6.38
CA GLN A 283 7.73 -11.23 -6.05
C GLN A 283 6.70 -11.94 -5.18
N SER A 284 6.14 -11.26 -4.19
CA SER A 284 5.05 -11.86 -3.40
C SER A 284 3.86 -12.19 -4.31
N GLN A 285 3.56 -11.33 -5.29
CA GLN A 285 2.47 -11.63 -6.25
C GLN A 285 2.74 -12.94 -6.98
N ALA A 286 3.99 -13.13 -7.42
CA ALA A 286 4.37 -14.37 -8.09
C ALA A 286 4.20 -15.58 -7.17
N ALA A 287 4.60 -15.42 -5.91
CA ALA A 287 4.42 -16.47 -4.92
C ALA A 287 2.95 -16.83 -4.73
N VAL A 288 2.09 -15.82 -4.63
CA VAL A 288 0.65 -16.04 -4.47
C VAL A 288 0.07 -16.76 -5.70
N ALA A 289 0.48 -16.34 -6.90
CA ALA A 289 0.00 -16.98 -8.13
C ALA A 289 0.35 -18.47 -8.12
N GLU A 290 1.59 -18.80 -7.78
CA GLU A 290 2.05 -20.20 -7.77
C GLU A 290 1.28 -21.02 -6.72
N SER A 291 1.01 -20.40 -5.57
CA SER A 291 0.27 -21.04 -4.50
C SER A 291 -1.16 -21.35 -4.93
N PHE A 292 -1.82 -20.40 -5.59
CA PHE A 292 -3.17 -20.67 -6.13
C PHE A 292 -3.12 -21.74 -7.22
N GLU A 293 -2.08 -21.75 -8.04
CA GLU A 293 -1.98 -22.78 -9.08
C GLU A 293 -1.96 -24.17 -8.45
N ARG A 294 -1.24 -24.29 -7.33
CA ARG A 294 -1.10 -25.56 -6.59
C ARG A 294 -2.46 -25.99 -6.07
N GLU A 295 -3.21 -25.05 -5.49
CA GLU A 295 -4.52 -25.36 -4.93
C GLU A 295 -5.58 -25.62 -5.99
N GLN A 296 -5.50 -24.95 -7.14
CA GLN A 296 -6.42 -25.21 -8.24
C GLN A 296 -6.22 -26.63 -8.77
N LEU A 297 -4.95 -27.06 -8.90
CA LEU A 297 -4.62 -28.39 -9.40
C LEU A 297 -5.11 -29.49 -8.46
N LEU A 298 -5.11 -29.19 -7.15
CA LEU A 298 -5.51 -30.15 -6.14
C LEU A 298 -6.91 -29.90 -5.57
N PHE A 299 -7.74 -29.13 -6.29
CA PHE A 299 -9.04 -28.71 -5.78
C PHE A 299 -9.88 -29.91 -5.31
N ARG A 300 -10.32 -29.86 -4.05
CA ARG A 300 -11.11 -30.90 -3.37
C ARG A 300 -10.37 -32.20 -3.04
N GLN A 301 -9.07 -32.25 -3.35
CA GLN A 301 -8.27 -33.46 -3.10
C GLN A 301 -7.74 -33.49 -1.66
N PRO A 302 -7.51 -34.70 -1.11
CA PRO A 302 -7.08 -34.84 0.28
C PRO A 302 -5.80 -34.10 0.67
N SER A 303 -4.90 -33.94 -0.31
CA SER A 303 -3.61 -33.30 -0.04
C SER A 303 -3.67 -31.77 -0.17
N SER A 304 -4.83 -31.22 -0.57
CA SER A 304 -4.94 -29.79 -0.76
C SER A 304 -4.99 -29.06 0.57
N TYR A 305 -4.40 -27.86 0.60
CA TYR A 305 -4.39 -27.07 1.82
C TYR A 305 -5.78 -26.65 2.19
N PHE A 306 -6.64 -26.38 1.20
CA PHE A 306 -7.98 -25.89 1.51
C PHE A 306 -8.88 -26.99 2.08
N VAL A 307 -8.46 -28.24 1.94
CA VAL A 307 -9.12 -29.36 2.60
C VAL A 307 -8.49 -29.59 3.96
N GLN A 308 -7.17 -29.77 3.99
CA GLN A 308 -6.47 -30.14 5.22
C GLN A 308 -6.49 -29.08 6.30
N PHE A 309 -6.26 -27.82 5.91
CA PHE A 309 -6.02 -26.79 6.91
C PHE A 309 -7.25 -26.46 7.78
N PRO A 310 -8.42 -26.21 7.15
CA PRO A 310 -9.60 -26.01 8.01
C PRO A 310 -9.96 -27.23 8.89
N GLN A 311 -9.66 -28.44 8.43
CA GLN A 311 -9.88 -29.62 9.27
C GLN A 311 -8.99 -29.59 10.51
N ALA A 312 -7.72 -29.23 10.30
CA ALA A 312 -6.77 -29.12 11.41
C ALA A 312 -7.19 -28.02 12.38
N MET A 313 -7.62 -26.89 11.84
CA MET A 313 -7.98 -25.75 12.68
C MET A 313 -9.30 -25.96 13.41
N GLN A 314 -10.19 -26.78 12.84
CA GLN A 314 -11.40 -27.16 13.54
C GLN A 314 -11.07 -27.94 14.81
N ARG A 315 -10.01 -28.76 14.76
CA ARG A 315 -9.56 -29.51 15.92
C ARG A 315 -9.00 -28.56 16.97
N CYS A 316 -8.27 -27.54 16.51
CA CYS A 316 -7.75 -26.52 17.42
C CYS A 316 -8.89 -25.75 18.10
N ARG A 317 -9.90 -25.37 17.30
CA ARG A 317 -11.10 -24.73 17.82
C ARG A 317 -11.73 -25.58 18.90
N ASP A 318 -11.93 -26.87 18.62
CA ASP A 318 -12.61 -27.74 19.59
C ASP A 318 -11.82 -27.86 20.89
N HIS A 319 -10.51 -27.99 20.76
CA HIS A 319 -9.60 -28.03 21.93
C HIS A 319 -9.79 -26.76 22.77
N MET A 320 -9.77 -25.59 22.11
CA MET A 320 -9.89 -24.35 22.84
C MET A 320 -11.27 -24.17 23.50
N ILE A 321 -12.31 -24.62 22.80
CA ILE A 321 -13.67 -24.50 23.34
C ILE A 321 -13.77 -25.30 24.64
N ARG A 322 -13.25 -26.53 24.62
CA ARG A 322 -13.29 -27.37 25.82
C ARG A 322 -12.44 -26.74 26.93
N SER A 323 -11.23 -26.29 26.59
CA SER A 323 -10.30 -25.76 27.58
C SER A 323 -10.81 -24.49 28.28
N LEU A 324 -11.33 -23.54 27.51
CA LEU A 324 -11.74 -22.27 28.13
C LEU A 324 -12.92 -22.40 29.08
N GLN A 325 -13.74 -23.43 28.86
CA GLN A 325 -14.87 -23.68 29.76
C GLN A 325 -14.42 -24.03 31.18
N SER A 326 -13.18 -24.51 31.31
CA SER A 326 -12.70 -25.01 32.59
C SER A 326 -12.64 -23.92 33.65
N VAL A 327 -12.59 -22.66 33.19
CA VAL A 327 -12.49 -21.55 34.11
C VAL A 327 -13.75 -20.67 34.09
N GLY A 328 -14.78 -21.15 33.39
CA GLY A 328 -16.06 -20.48 33.40
C GLY A 328 -16.31 -19.49 32.27
N LEU A 329 -15.39 -19.46 31.31
CA LEU A 329 -15.63 -18.70 30.07
C LEU A 329 -16.64 -19.48 29.25
N LYS A 330 -17.55 -18.78 28.57
CA LYS A 330 -18.61 -19.44 27.81
C LYS A 330 -18.45 -19.19 26.31
N PRO A 331 -17.81 -20.15 25.61
CA PRO A 331 -17.60 -19.94 24.16
C PRO A 331 -18.87 -19.99 23.33
N ILE A 332 -18.85 -19.22 22.25
CA ILE A 332 -19.87 -19.25 21.21
C ILE A 332 -19.19 -19.96 20.05
N ILE A 333 -19.71 -21.12 19.66
CA ILE A 333 -19.04 -21.95 18.66
C ILE A 333 -19.08 -21.25 17.32
N PRO A 334 -17.89 -20.93 16.74
CA PRO A 334 -17.88 -20.32 15.44
C PRO A 334 -17.98 -21.35 14.30
N GLN A 335 -18.64 -20.94 13.20
CA GLN A 335 -18.71 -21.77 11.99
C GLN A 335 -17.58 -21.49 11.01
N GLY A 336 -16.81 -20.42 11.26
CA GLY A 336 -15.70 -20.04 10.39
C GLY A 336 -14.80 -19.03 11.04
N SER A 337 -13.78 -18.62 10.27
CA SER A 337 -12.77 -17.64 10.70
C SER A 337 -11.68 -18.24 11.60
N TYR A 338 -10.73 -17.40 12.00
CA TYR A 338 -9.68 -17.79 12.92
C TYR A 338 -10.11 -17.72 14.38
N PHE A 339 -11.34 -17.24 14.63
CA PHE A 339 -11.69 -16.69 15.93
C PHE A 339 -12.90 -17.33 16.58
N LEU A 340 -12.90 -17.27 17.91
CA LEU A 340 -14.13 -17.50 18.67
C LEU A 340 -14.25 -16.43 19.74
N ILE A 341 -15.47 -16.13 20.14
CA ILE A 341 -15.68 -15.23 21.28
C ILE A 341 -16.22 -16.03 22.47
N THR A 342 -15.89 -15.55 23.67
CA THR A 342 -16.45 -16.10 24.91
C THR A 342 -17.20 -15.01 25.64
N ASP A 343 -18.37 -15.39 26.15
CA ASP A 343 -19.16 -14.55 27.02
C ASP A 343 -18.49 -14.56 28.40
N ILE A 344 -18.25 -13.37 28.96
CA ILE A 344 -17.65 -13.25 30.29
C ILE A 344 -18.66 -12.72 31.32
N SER A 345 -19.95 -12.80 31.00
CA SER A 345 -21.00 -12.28 31.89
C SER A 345 -20.94 -12.84 33.31
N ASP A 346 -20.51 -14.09 33.48
CA ASP A 346 -20.38 -14.66 34.82
C ASP A 346 -19.27 -13.96 35.63
N PHE A 347 -18.22 -13.53 34.94
CA PHE A 347 -17.16 -12.76 35.57
C PHE A 347 -17.62 -11.35 35.92
N LYS A 348 -18.39 -10.73 35.02
CA LYS A 348 -18.94 -9.41 35.30
C LYS A 348 -19.86 -9.43 36.52
N ARG A 349 -20.59 -10.53 36.68
CA ARG A 349 -21.50 -10.73 37.81
C ARG A 349 -20.71 -10.90 39.12
N LYS A 350 -19.72 -11.80 39.11
CA LYS A 350 -18.96 -12.15 40.31
C LYS A 350 -17.85 -11.16 40.66
N MET A 351 -17.32 -10.50 39.63
CA MET A 351 -16.15 -9.63 39.78
C MET A 351 -16.42 -8.31 39.04
N PRO A 352 -17.44 -7.54 39.46
CA PRO A 352 -17.87 -6.35 38.72
C PRO A 352 -16.93 -5.15 38.76
N ASP A 353 -16.09 -5.07 39.78
CA ASP A 353 -15.31 -3.87 40.05
C ASP A 353 -13.84 -4.04 39.69
N LEU A 354 -13.54 -3.99 38.40
CA LEU A 354 -12.16 -4.04 37.94
C LEU A 354 -11.62 -2.64 37.69
N PRO A 355 -10.31 -2.43 37.94
CA PRO A 355 -9.74 -1.10 37.70
C PRO A 355 -9.74 -0.72 36.23
N GLY A 356 -9.90 0.58 35.96
CA GLY A 356 -9.89 1.11 34.61
C GLY A 356 -10.32 2.56 34.56
N ALA A 357 -10.30 3.13 33.35
CA ALA A 357 -10.67 4.52 33.14
C ALA A 357 -12.19 4.73 33.18
N VAL A 358 -12.61 5.99 33.24
CA VAL A 358 -14.03 6.35 33.21
C VAL A 358 -14.67 5.83 31.92
N ASP A 359 -15.81 5.16 32.08
CA ASP A 359 -16.58 4.60 30.97
C ASP A 359 -15.80 3.56 30.14
N GLU A 360 -14.76 2.98 30.75
CA GLU A 360 -14.03 1.88 30.10
C GLU A 360 -14.89 0.62 30.18
N PRO A 361 -15.25 0.06 29.01
CA PRO A 361 -16.09 -1.13 29.01
C PRO A 361 -15.47 -2.27 29.83
N TYR A 362 -16.33 -3.05 30.46
CA TYR A 362 -15.88 -4.13 31.32
C TYR A 362 -14.91 -5.07 30.61
N ASP A 363 -15.21 -5.44 29.36
CA ASP A 363 -14.35 -6.39 28.66
C ASP A 363 -12.90 -5.94 28.51
N ARG A 364 -12.70 -4.64 28.30
CA ARG A 364 -11.35 -4.09 28.23
C ARG A 364 -10.64 -4.21 29.58
N ARG A 365 -11.37 -3.93 30.65
CA ARG A 365 -10.82 -4.07 31.99
C ARG A 365 -10.53 -5.54 32.30
N PHE A 366 -11.41 -6.44 31.86
CA PHE A 366 -11.26 -7.87 32.11
C PHE A 366 -10.03 -8.44 31.38
N VAL A 367 -9.85 -8.04 30.12
CA VAL A 367 -8.68 -8.49 29.38
C VAL A 367 -7.37 -8.08 30.06
N LYS A 368 -7.31 -6.83 30.52
CA LYS A 368 -6.13 -6.36 31.24
C LYS A 368 -5.92 -7.20 32.50
N TRP A 369 -6.99 -7.48 33.24
CA TRP A 369 -6.91 -8.33 34.44
C TRP A 369 -6.43 -9.74 34.11
N MET A 370 -6.94 -10.30 33.02
CA MET A 370 -6.58 -11.66 32.65
C MET A 370 -5.14 -11.77 32.18
N ILE A 371 -4.68 -10.75 31.46
CA ILE A 371 -3.28 -10.74 31.01
C ILE A 371 -2.36 -10.72 32.24
N LYS A 372 -2.62 -9.77 33.14
CA LYS A 372 -1.70 -9.54 34.24
C LYS A 372 -1.71 -10.64 35.30
N ASN A 373 -2.88 -11.23 35.52
CA ASN A 373 -3.05 -12.22 36.58
C ASN A 373 -3.02 -13.67 36.13
N LYS A 374 -3.47 -13.94 34.91
CA LYS A 374 -3.64 -15.30 34.43
C LYS A 374 -2.76 -15.67 33.24
N GLY A 375 -2.18 -14.68 32.57
CA GLY A 375 -1.21 -14.93 31.51
C GLY A 375 -1.84 -15.41 30.21
N LEU A 376 -3.08 -15.00 29.96
CA LEU A 376 -3.75 -15.29 28.69
C LEU A 376 -4.17 -13.97 28.05
N VAL A 377 -3.90 -13.84 26.75
CA VAL A 377 -4.32 -12.65 25.98
C VAL A 377 -5.56 -12.99 25.17
N ALA A 378 -6.58 -12.12 25.25
CA ALA A 378 -7.69 -12.09 24.31
C ALA A 378 -7.90 -10.63 23.90
N ILE A 379 -8.78 -10.40 22.94
CA ILE A 379 -9.12 -9.03 22.52
C ILE A 379 -10.52 -8.68 22.99
N PRO A 380 -10.69 -7.51 23.62
CA PRO A 380 -12.04 -7.13 24.05
C PRO A 380 -12.92 -6.87 22.84
N VAL A 381 -14.10 -7.48 22.81
CA VAL A 381 -14.96 -7.42 21.63
C VAL A 381 -15.57 -6.02 21.45
N SER A 382 -15.56 -5.21 22.51
CA SER A 382 -16.12 -3.86 22.40
C SER A 382 -15.39 -2.98 21.36
N ILE A 383 -14.16 -3.34 20.98
CA ILE A 383 -13.50 -2.58 19.92
C ILE A 383 -14.15 -2.79 18.55
N PHE A 384 -15.02 -3.81 18.46
CA PHE A 384 -15.71 -4.14 17.21
C PHE A 384 -17.16 -3.62 17.21
N TYR A 385 -17.43 -2.67 18.09
CA TYR A 385 -18.76 -2.03 18.22
C TYR A 385 -18.64 -0.52 18.13
N SER A 386 -19.68 0.11 17.61
CA SER A 386 -19.79 1.57 17.68
C SER A 386 -19.82 1.99 19.14
N VAL A 387 -19.34 3.20 19.43
CA VAL A 387 -19.21 3.66 20.82
C VAL A 387 -20.53 3.60 21.60
N PRO A 388 -21.65 4.09 21.01
CA PRO A 388 -22.93 3.99 21.74
C PRO A 388 -23.36 2.56 22.10
N HIS A 389 -22.85 1.56 21.38
CA HIS A 389 -23.25 0.18 21.66
C HIS A 389 -22.29 -0.59 22.54
N GLN A 390 -21.16 0.03 22.90
CA GLN A 390 -20.16 -0.65 23.72
C GLN A 390 -20.63 -0.90 25.15
N LYS A 391 -21.50 -0.02 25.65
CA LYS A 391 -22.13 -0.21 26.98
C LYS A 391 -22.93 -1.51 27.05
N HIS A 392 -23.57 -1.87 25.94
CA HIS A 392 -24.40 -3.06 25.86
C HIS A 392 -23.59 -4.30 25.55
N PHE A 393 -22.63 -4.17 24.64
CA PHE A 393 -21.84 -5.30 24.18
C PHE A 393 -20.46 -5.24 24.83
N ASP A 394 -20.45 -5.31 26.16
CA ASP A 394 -19.25 -5.12 26.96
C ASP A 394 -18.76 -6.41 27.64
N HIS A 395 -19.35 -7.55 27.26
CA HIS A 395 -19.14 -8.79 27.98
C HIS A 395 -18.69 -9.97 27.10
N TYR A 396 -18.02 -9.66 26.00
CA TYR A 396 -17.40 -10.68 25.16
C TYR A 396 -15.92 -10.40 24.95
N ILE A 397 -15.13 -11.47 24.83
CA ILE A 397 -13.73 -11.33 24.44
C ILE A 397 -13.42 -12.32 23.31
N ARG A 398 -12.50 -11.95 22.44
CA ARG A 398 -12.13 -12.76 21.26
C ARG A 398 -10.80 -13.49 21.43
N PHE A 399 -10.84 -14.79 21.16
CA PHE A 399 -9.64 -15.63 21.15
C PHE A 399 -9.36 -16.10 19.73
N CYS A 400 -8.08 -16.36 19.44
CA CYS A 400 -7.68 -16.93 18.17
C CYS A 400 -7.12 -18.33 18.41
N PHE A 401 -7.70 -19.33 17.73
CA PHE A 401 -7.30 -20.71 17.94
C PHE A 401 -6.38 -21.23 16.85
N VAL A 402 -5.99 -20.36 15.91
CA VAL A 402 -5.09 -20.77 14.82
C VAL A 402 -3.66 -20.69 15.35
N LYS A 403 -3.32 -21.71 16.14
CA LYS A 403 -2.10 -21.73 16.93
C LYS A 403 -1.44 -23.10 16.90
N ASP A 404 -0.13 -23.12 17.12
CA ASP A 404 0.66 -24.34 17.23
C ASP A 404 0.16 -25.21 18.38
N GLU A 405 0.29 -26.52 18.23
CA GLU A 405 -0.09 -27.44 19.32
C GLU A 405 0.64 -27.13 20.64
N ALA A 406 1.88 -26.61 20.54
CA ALA A 406 2.65 -26.24 21.72
C ALA A 406 2.02 -25.04 22.43
N THR A 407 1.40 -24.17 21.65
CA THR A 407 0.77 -22.97 22.19
C THR A 407 -0.53 -23.36 22.91
N LEU A 408 -1.27 -24.29 22.32
CA LEU A 408 -2.48 -24.81 22.98
C LEU A 408 -2.12 -25.55 24.28
N GLN A 409 -1.00 -26.28 24.28
CA GLN A 409 -0.51 -26.91 25.52
C GLN A 409 -0.17 -25.85 26.58
N ALA A 410 0.49 -24.76 26.17
CA ALA A 410 0.82 -23.68 27.07
C ALA A 410 -0.44 -22.98 27.62
N MET A 411 -1.47 -22.87 26.77
CA MET A 411 -2.77 -22.35 27.22
C MET A 411 -3.30 -23.20 28.36
N ASP A 412 -3.27 -24.53 28.17
CA ASP A 412 -3.77 -25.43 29.19
C ASP A 412 -2.99 -25.33 30.51
N GLU A 413 -1.69 -25.07 30.41
CA GLU A 413 -0.89 -24.82 31.62
C GLU A 413 -1.37 -23.58 32.37
N LYS A 414 -1.67 -22.49 31.65
CA LYS A 414 -2.20 -21.28 32.30
C LYS A 414 -3.55 -21.55 32.94
N LEU A 415 -4.40 -22.31 32.25
CA LEU A 415 -5.74 -22.61 32.76
C LEU A 415 -5.67 -23.49 33.99
N ARG A 416 -4.70 -24.42 34.01
CA ARG A 416 -4.48 -25.23 35.22
C ARG A 416 -4.14 -24.33 36.40
N LYS A 417 -3.20 -23.40 36.18
CA LYS A 417 -2.80 -22.49 37.25
C LYS A 417 -3.97 -21.62 37.71
N TRP A 418 -4.77 -21.14 36.76
CA TRP A 418 -5.94 -20.32 37.06
C TRP A 418 -6.90 -21.08 37.98
N LYS A 419 -7.19 -22.33 37.61
CA LYS A 419 -8.11 -23.15 38.40
C LYS A 419 -7.55 -23.51 39.79
N VAL A 420 -6.32 -24.00 39.83
CA VAL A 420 -5.81 -24.67 41.05
C VAL A 420 -5.01 -23.79 42.00
N GLU A 421 -4.44 -22.70 41.48
CA GLU A 421 -3.51 -21.89 42.26
C GLU A 421 -4.14 -20.64 42.83
N LEU A 422 -3.52 -20.14 43.90
CA LEU A 422 -3.83 -18.85 44.54
C LEU A 422 -5.14 -18.88 45.31
N GLN B 4 -24.66 9.51 -8.52
CA GLN B 4 -23.21 9.31 -8.85
C GLN B 4 -22.52 8.29 -7.94
N LEU B 5 -22.01 7.24 -8.56
CA LEU B 5 -21.40 6.12 -7.86
C LEU B 5 -20.09 6.51 -7.16
N GLN B 6 -19.20 7.16 -7.89
CA GLN B 6 -17.85 7.42 -7.38
C GLN B 6 -17.71 8.73 -6.62
N ALA B 7 -16.70 8.78 -5.76
CA ALA B 7 -16.48 9.95 -4.92
C ALA B 7 -15.96 11.09 -5.78
N ARG B 8 -16.32 12.32 -5.39
CA ARG B 8 -15.89 13.52 -6.14
C ARG B 8 -14.39 13.71 -6.13
N ARG B 9 -13.71 13.14 -5.12
CA ARG B 9 -12.24 13.26 -5.04
C ARG B 9 -11.54 12.65 -6.24
N LEU B 10 -12.23 11.81 -7.01
CA LEU B 10 -11.64 11.18 -8.21
C LEU B 10 -11.75 12.04 -9.47
N ASP B 11 -12.41 13.20 -9.35
CA ASP B 11 -12.61 14.06 -10.52
C ASP B 11 -11.27 14.40 -11.16
N GLY B 12 -11.16 14.15 -12.46
CA GLY B 12 -10.03 14.60 -13.26
C GLY B 12 -8.73 13.84 -13.09
N ILE B 13 -8.74 12.74 -12.33
CA ILE B 13 -7.51 12.00 -12.06
C ILE B 13 -7.55 10.54 -12.52
N ASP B 14 -8.50 10.22 -13.39
CA ASP B 14 -8.65 8.86 -13.88
C ASP B 14 -7.70 8.50 -15.02
N TYR B 15 -7.23 9.50 -15.76
CA TYR B 15 -6.35 9.23 -16.90
C TYR B 15 -4.92 8.89 -16.46
N ASN B 16 -4.44 7.71 -16.88
CA ASN B 16 -3.12 7.21 -16.53
C ASN B 16 -2.31 7.09 -17.83
N PRO B 17 -1.35 8.01 -18.06
CA PRO B 17 -0.67 7.95 -19.35
C PRO B 17 0.23 6.71 -19.49
N TRP B 18 0.68 6.17 -18.36
CA TRP B 18 1.64 5.05 -18.36
C TRP B 18 1.10 3.77 -18.98
N VAL B 19 -0.21 3.55 -18.87
CA VAL B 19 -0.80 2.34 -19.44
C VAL B 19 -0.64 2.29 -20.98
N GLU B 20 -0.91 3.42 -21.64
CA GLU B 20 -0.72 3.58 -23.10
C GLU B 20 0.73 3.38 -23.50
N PHE B 21 1.63 4.04 -22.77
CA PHE B 21 3.05 4.00 -23.08
C PHE B 21 3.55 2.56 -23.04
N VAL B 22 3.22 1.87 -21.96
CA VAL B 22 3.66 0.49 -21.75
C VAL B 22 3.05 -0.44 -22.80
N LYS B 23 1.78 -0.21 -23.13
CA LYS B 23 1.10 -1.02 -24.13
C LYS B 23 1.76 -0.88 -25.50
N LEU B 24 1.97 0.35 -25.95
CA LEU B 24 2.54 0.58 -27.27
C LEU B 24 3.92 -0.06 -27.41
N ALA B 25 4.77 0.18 -26.41
CA ALA B 25 6.13 -0.38 -26.43
C ALA B 25 6.12 -1.90 -26.56
N SER B 26 5.14 -2.56 -25.95
CA SER B 26 5.04 -4.02 -25.94
C SER B 26 4.62 -4.57 -27.31
N GLU B 27 4.15 -3.68 -28.18
CA GLU B 27 3.60 -4.08 -29.48
C GLU B 27 4.57 -3.87 -30.64
N HIS B 28 5.79 -3.43 -30.34
CA HIS B 28 6.79 -3.19 -31.38
C HIS B 28 8.17 -3.70 -31.00
N ASP B 29 9.01 -3.90 -32.01
CA ASP B 29 10.39 -4.28 -31.78
C ASP B 29 11.17 -3.05 -31.35
N VAL B 30 11.58 -3.03 -30.08
CA VAL B 30 12.14 -1.81 -29.52
C VAL B 30 13.23 -2.05 -28.52
N VAL B 31 14.08 -1.04 -28.39
CA VAL B 31 14.98 -0.90 -27.25
C VAL B 31 14.25 0.06 -26.30
N ASN B 32 13.93 -0.45 -25.11
CA ASN B 32 13.07 0.32 -24.20
C ASN B 32 13.87 1.17 -23.24
N LEU B 33 14.01 2.43 -23.62
CA LEU B 33 14.68 3.40 -22.78
C LEU B 33 13.64 4.26 -22.07
N GLY B 34 12.38 3.84 -22.12
CA GLY B 34 11.29 4.52 -21.42
C GLY B 34 11.12 3.99 -20.01
N GLN B 35 11.42 2.70 -19.81
CA GLN B 35 11.33 2.05 -18.50
C GLN B 35 12.34 2.64 -17.53
N GLY B 36 11.83 3.20 -16.43
CA GLY B 36 12.67 3.82 -15.40
C GLY B 36 13.10 2.83 -14.35
N PHE B 37 13.70 1.73 -14.79
CA PHE B 37 14.25 0.74 -13.88
C PHE B 37 15.34 -0.04 -14.61
N PRO B 38 16.28 -0.63 -13.85
CA PRO B 38 17.32 -1.43 -14.47
C PRO B 38 16.83 -2.65 -15.21
N ASP B 39 17.51 -3.02 -16.30
CA ASP B 39 17.22 -4.29 -16.96
C ASP B 39 18.35 -5.30 -16.73
N PHE B 40 19.11 -5.07 -15.66
CA PHE B 40 20.12 -5.98 -15.15
C PHE B 40 19.80 -6.26 -13.68
N PRO B 41 20.45 -7.29 -13.08
CA PRO B 41 20.10 -7.60 -11.69
C PRO B 41 20.46 -6.55 -10.63
N PRO B 42 19.71 -6.55 -9.50
CA PRO B 42 20.12 -5.79 -8.34
C PRO B 42 21.46 -6.37 -7.86
N PRO B 43 22.18 -5.64 -7.00
CA PRO B 43 23.46 -6.21 -6.55
C PRO B 43 23.26 -7.49 -5.76
N ASP B 44 24.26 -8.38 -5.79
CA ASP B 44 24.14 -9.67 -5.13
C ASP B 44 23.72 -9.57 -3.68
N PHE B 45 24.29 -8.64 -2.92
CA PHE B 45 23.96 -8.58 -1.50
C PHE B 45 22.47 -8.30 -1.26
N ALA B 46 21.84 -7.59 -2.19
CA ALA B 46 20.43 -7.22 -2.03
C ALA B 46 19.54 -8.42 -2.32
N VAL B 47 19.80 -9.11 -3.43
CA VAL B 47 19.04 -10.32 -3.77
C VAL B 47 19.24 -11.38 -2.70
N GLU B 48 20.48 -11.58 -2.23
CA GLU B 48 20.75 -12.51 -1.14
C GLU B 48 19.99 -12.14 0.14
N ALA B 49 19.90 -10.84 0.45
CA ALA B 49 19.13 -10.39 1.61
C ALA B 49 17.67 -10.82 1.54
N PHE B 50 17.07 -10.71 0.36
CA PHE B 50 15.67 -11.11 0.21
C PHE B 50 15.57 -12.63 0.31
N GLN B 51 16.50 -13.34 -0.33
CA GLN B 51 16.53 -14.80 -0.21
C GLN B 51 16.65 -15.25 1.24
N HIS B 52 17.47 -14.55 2.02
CA HIS B 52 17.62 -14.87 3.44
C HIS B 52 16.33 -14.62 4.21
N ALA B 53 15.65 -13.51 3.88
CA ALA B 53 14.38 -13.20 4.56
C ALA B 53 13.27 -14.21 4.28
N VAL B 54 13.23 -14.76 3.08
CA VAL B 54 12.18 -15.74 2.78
C VAL B 54 12.55 -17.18 3.16
N SER B 55 13.77 -17.39 3.63
CA SER B 55 14.18 -18.74 4.05
C SER B 55 14.64 -18.79 5.51
N GLY B 56 14.49 -17.67 6.24
CA GLY B 56 14.95 -17.58 7.61
C GLY B 56 13.86 -17.91 8.62
N ASP B 57 13.82 -17.13 9.69
CA ASP B 57 12.83 -17.28 10.75
C ASP B 57 11.42 -17.37 10.12
N PHE B 58 10.71 -18.48 10.36
CA PHE B 58 9.42 -18.69 9.71
C PHE B 58 8.38 -17.63 10.07
N MET B 59 8.55 -17.00 11.23
CA MET B 59 7.61 -15.98 11.68
C MET B 59 7.72 -14.69 10.86
N LEU B 60 8.77 -14.58 10.06
CA LEU B 60 8.82 -13.46 9.12
C LEU B 60 7.74 -13.57 8.04
N ASN B 61 7.07 -14.71 7.95
CA ASN B 61 5.92 -14.82 7.04
C ASN B 61 4.66 -14.19 7.61
N GLN B 62 4.69 -13.78 8.88
CA GLN B 62 3.53 -13.17 9.52
C GLN B 62 3.73 -11.68 9.71
N TYR B 63 2.64 -11.01 10.08
CA TYR B 63 2.64 -9.56 10.27
C TYR B 63 3.82 -9.10 11.11
N THR B 64 4.35 -7.94 10.75
CA THR B 64 5.28 -7.22 11.61
C THR B 64 4.59 -5.98 12.19
N LYS B 65 5.37 -5.12 12.85
CA LYS B 65 4.81 -3.93 13.48
C LYS B 65 4.28 -2.94 12.46
N THR B 66 3.17 -2.31 12.82
CA THR B 66 2.43 -1.43 11.93
C THR B 66 3.27 -0.34 11.28
N PHE B 67 4.12 0.33 12.08
CA PHE B 67 4.85 1.49 11.53
C PHE B 67 6.23 1.13 10.96
N GLY B 68 6.55 -0.16 10.97
CA GLY B 68 7.75 -0.67 10.32
C GLY B 68 8.39 -1.84 11.03
N TYR B 69 9.00 -2.74 10.26
CA TYR B 69 9.81 -3.84 10.79
C TYR B 69 10.91 -3.21 11.66
N PRO B 70 10.96 -3.51 12.98
CA PRO B 70 11.92 -2.78 13.84
C PRO B 70 13.41 -2.76 13.38
N PRO B 71 13.99 -3.88 12.90
CA PRO B 71 15.34 -3.77 12.37
C PRO B 71 15.49 -2.77 11.22
N LEU B 72 14.45 -2.59 10.41
CA LEU B 72 14.52 -1.60 9.34
C LEU B 72 14.40 -0.18 9.86
N THR B 73 13.44 0.10 10.74
CA THR B 73 13.35 1.47 11.25
C THR B 73 14.59 1.83 12.06
N LYS B 74 15.21 0.83 12.70
CA LYS B 74 16.44 1.06 13.47
C LYS B 74 17.56 1.53 12.56
N ILE B 75 17.80 0.80 11.47
CA ILE B 75 18.88 1.17 10.56
C ILE B 75 18.59 2.44 9.76
N LEU B 76 17.32 2.67 9.40
CA LEU B 76 17.00 3.93 8.73
C LEU B 76 17.31 5.11 9.66
N ALA B 77 16.91 4.99 10.92
CA ALA B 77 17.12 6.06 11.89
C ALA B 77 18.62 6.31 12.10
N SER B 78 19.38 5.23 12.23
CA SER B 78 20.83 5.34 12.45
C SER B 78 21.54 5.95 11.24
N PHE B 79 21.30 5.36 10.08
CA PHE B 79 22.00 5.73 8.86
C PHE B 79 21.62 7.12 8.38
N PHE B 80 20.32 7.38 8.24
CA PHE B 80 19.90 8.69 7.77
C PHE B 80 20.08 9.77 8.83
N GLY B 81 20.10 9.35 10.10
CA GLY B 81 20.43 10.28 11.18
C GLY B 81 21.80 10.88 10.98
N GLU B 82 22.75 9.99 10.68
CA GLU B 82 24.14 10.35 10.34
C GLU B 82 24.19 11.27 9.12
N LEU B 83 23.44 10.91 8.07
CA LEU B 83 23.47 11.68 6.82
C LEU B 83 22.86 13.08 6.98
N LEU B 84 21.80 13.17 7.78
CA LEU B 84 21.07 14.42 7.97
C LEU B 84 21.61 15.29 9.11
N GLY B 85 22.51 14.72 9.92
CA GLY B 85 22.99 15.38 11.14
C GLY B 85 21.83 15.59 12.11
N GLN B 86 21.04 14.53 12.29
CA GLN B 86 19.81 14.59 13.06
C GLN B 86 19.66 13.34 13.91
N GLU B 87 19.29 13.51 15.18
CA GLU B 87 18.87 12.38 16.02
C GLU B 87 17.47 11.96 15.58
N ILE B 88 17.38 10.74 15.05
CA ILE B 88 16.11 10.22 14.56
C ILE B 88 15.66 9.08 15.47
N ASP B 89 14.45 9.22 15.98
CA ASP B 89 13.80 8.23 16.83
C ASP B 89 13.07 7.27 15.89
N PRO B 90 13.49 5.98 15.86
CA PRO B 90 12.83 5.05 14.91
C PRO B 90 11.31 4.87 15.10
N LEU B 91 10.82 5.03 16.33
CA LEU B 91 9.42 4.83 16.62
C LEU B 91 8.56 6.04 16.26
N ARG B 92 9.12 7.24 16.43
CA ARG B 92 8.40 8.50 16.31
C ARG B 92 8.67 9.27 15.02
N ASN B 93 9.78 8.97 14.35
CA ASN B 93 10.26 9.76 13.23
C ASN B 93 10.43 9.00 11.93
N VAL B 94 10.06 7.71 11.94
CA VAL B 94 10.21 6.86 10.76
C VAL B 94 8.92 6.12 10.51
N LEU B 95 8.50 6.09 9.24
CA LEU B 95 7.37 5.27 8.81
C LEU B 95 7.76 4.56 7.55
N VAL B 96 7.62 3.23 7.55
CA VAL B 96 7.85 2.44 6.34
C VAL B 96 6.54 2.37 5.56
N THR B 97 6.68 2.53 4.24
CA THR B 97 5.54 2.66 3.34
C THR B 97 5.67 1.77 2.11
N VAL B 98 4.63 1.75 1.29
CA VAL B 98 4.65 0.96 0.05
C VAL B 98 5.32 1.80 -1.03
N GLY B 99 6.63 1.79 -0.98
CA GLY B 99 7.45 2.57 -1.90
C GLY B 99 7.44 4.05 -1.63
N GLY B 100 8.22 4.75 -2.44
CA GLY B 100 8.12 6.20 -2.49
C GLY B 100 6.72 6.67 -2.87
N TYR B 101 6.02 5.95 -3.75
CA TYR B 101 4.67 6.33 -4.11
C TYR B 101 3.79 6.37 -2.86
N GLY B 102 3.82 5.28 -2.09
CA GLY B 102 3.00 5.18 -0.88
C GLY B 102 3.36 6.25 0.14
N ALA B 103 4.65 6.55 0.23
CA ALA B 103 5.11 7.61 1.14
C ALA B 103 4.52 8.95 0.75
N LEU B 104 4.60 9.28 -0.54
CA LEU B 104 3.99 10.53 -1.05
C LEU B 104 2.52 10.58 -0.73
N PHE B 105 1.82 9.51 -1.08
CA PHE B 105 0.38 9.43 -0.85
C PHE B 105 0.01 9.65 0.63
N THR B 106 0.75 8.99 1.51
CA THR B 106 0.55 9.15 2.96
C THR B 106 0.72 10.60 3.40
N ALA B 107 1.74 11.27 2.88
CA ALA B 107 1.99 12.69 3.21
C ALA B 107 0.86 13.59 2.75
N PHE B 108 0.42 13.42 1.50
CA PHE B 108 -0.66 14.24 0.97
C PHE B 108 -1.95 14.00 1.73
N GLN B 109 -2.28 12.74 2.01
CA GLN B 109 -3.53 12.45 2.71
C GLN B 109 -3.51 12.92 4.18
N ALA B 110 -2.33 12.99 4.78
CA ALA B 110 -2.21 13.51 6.16
C ALA B 110 -2.34 15.02 6.26
N LEU B 111 -1.81 15.74 5.29
CA LEU B 111 -1.60 17.19 5.45
C LEU B 111 -2.41 18.09 4.55
N VAL B 112 -2.80 17.60 3.37
CA VAL B 112 -3.48 18.45 2.39
C VAL B 112 -4.97 18.33 2.55
N ASP B 113 -5.61 19.49 2.64
CA ASP B 113 -7.03 19.58 2.91
C ASP B 113 -7.68 20.48 1.87
N GLU B 114 -9.00 20.44 1.85
CA GLU B 114 -9.80 21.24 0.93
C GLU B 114 -9.39 22.70 1.00
N GLY B 115 -9.02 23.24 -0.15
CA GLY B 115 -8.66 24.65 -0.25
C GLY B 115 -7.18 24.96 -0.10
N ASP B 116 -6.40 24.02 0.47
CA ASP B 116 -4.97 24.21 0.60
C ASP B 116 -4.29 24.30 -0.75
N GLU B 117 -3.29 25.15 -0.87
CA GLU B 117 -2.45 25.18 -2.07
C GLU B 117 -1.19 24.37 -1.83
N VAL B 118 -0.73 23.69 -2.87
CA VAL B 118 0.49 22.91 -2.83
C VAL B 118 1.33 23.38 -4.00
N ILE B 119 2.54 23.86 -3.71
CA ILE B 119 3.45 24.29 -4.74
C ILE B 119 4.21 23.10 -5.32
N ILE B 120 4.12 22.98 -6.63
CA ILE B 120 4.76 21.91 -7.38
C ILE B 120 5.69 22.55 -8.41
N ILE B 121 6.90 21.98 -8.54
CA ILE B 121 7.94 22.51 -9.43
C ILE B 121 7.96 21.72 -10.74
N GLU B 122 7.73 22.43 -11.85
CA GLU B 122 7.75 21.80 -13.17
C GLU B 122 9.17 21.79 -13.71
N PRO B 123 9.61 20.68 -14.34
CA PRO B 123 8.86 19.45 -14.58
C PRO B 123 8.77 18.60 -13.30
N PHE B 124 7.59 18.05 -13.05
CA PHE B 124 7.33 17.29 -11.83
C PHE B 124 6.96 15.83 -12.09
N PHE B 125 7.44 14.96 -11.21
CA PHE B 125 6.98 13.57 -11.17
C PHE B 125 5.45 13.59 -11.19
N ASP B 126 4.84 12.88 -12.13
CA ASP B 126 3.46 13.23 -12.51
C ASP B 126 2.42 13.07 -11.42
N CYS B 127 2.67 12.20 -10.43
CA CYS B 127 1.65 11.94 -9.42
C CYS B 127 1.43 13.10 -8.45
N TYR B 128 2.35 14.06 -8.38
CA TYR B 128 2.17 15.12 -7.38
C TYR B 128 0.87 15.87 -7.58
N GLU B 129 0.53 16.11 -8.84
CA GLU B 129 -0.68 16.86 -9.18
C GLU B 129 -1.97 16.12 -8.78
N PRO B 130 -2.19 14.89 -9.30
CA PRO B 130 -3.42 14.20 -8.89
C PRO B 130 -3.49 13.85 -7.40
N MET B 131 -2.34 13.58 -6.76
CA MET B 131 -2.39 13.36 -5.30
C MET B 131 -2.84 14.61 -4.55
N THR B 132 -2.36 15.77 -5.01
CA THR B 132 -2.82 17.03 -4.43
C THR B 132 -4.33 17.19 -4.61
N MET B 133 -4.81 16.91 -5.81
CA MET B 133 -6.23 17.05 -6.15
C MET B 133 -7.12 16.10 -5.35
N MET B 134 -6.68 14.85 -5.21
CA MET B 134 -7.50 13.88 -4.49
C MET B 134 -7.63 14.24 -3.01
N ALA B 135 -6.68 14.98 -2.47
CA ALA B 135 -6.71 15.42 -1.08
C ALA B 135 -7.42 16.77 -0.95
N GLY B 136 -8.02 17.25 -2.05
CA GLY B 136 -8.79 18.51 -2.04
C GLY B 136 -7.96 19.77 -2.22
N GLY B 137 -6.67 19.60 -2.45
CA GLY B 137 -5.77 20.72 -2.63
C GLY B 137 -5.82 21.31 -4.03
N ARG B 138 -5.28 22.51 -4.14
CA ARG B 138 -5.17 23.24 -5.39
C ARG B 138 -3.69 23.32 -5.77
N PRO B 139 -3.29 22.60 -6.84
CA PRO B 139 -1.90 22.68 -7.28
C PRO B 139 -1.55 24.06 -7.80
N VAL B 140 -0.38 24.55 -7.38
CA VAL B 140 0.15 25.84 -7.83
C VAL B 140 1.52 25.51 -8.40
N PHE B 141 1.75 25.89 -9.66
CA PHE B 141 2.97 25.49 -10.36
C PHE B 141 4.01 26.59 -10.47
N VAL B 142 5.25 26.26 -10.12
CA VAL B 142 6.39 27.12 -10.45
C VAL B 142 7.22 26.38 -11.47
N SER B 143 7.68 27.08 -12.49
CA SER B 143 8.35 26.41 -13.59
C SER B 143 9.83 26.71 -13.62
N LEU B 144 10.67 25.67 -13.61
CA LEU B 144 12.09 25.88 -13.83
C LEU B 144 12.30 26.52 -15.20
N LYS B 145 13.27 27.42 -15.27
CA LYS B 145 13.53 28.13 -16.54
C LYS B 145 14.72 27.51 -17.24
N PRO B 146 14.50 26.89 -18.42
CA PRO B 146 15.63 26.35 -19.16
C PRO B 146 16.70 27.43 -19.39
N GLY B 147 17.96 27.10 -19.12
CA GLY B 147 19.05 28.08 -19.20
C GLY B 147 19.36 28.50 -20.63
N PRO B 148 20.06 29.63 -20.80
CA PRO B 148 20.43 30.11 -22.14
C PRO B 148 21.27 29.07 -22.87
N ILE B 149 20.82 28.66 -24.05
CA ILE B 149 21.56 27.74 -24.91
C ILE B 149 22.66 28.51 -25.66
N GLN B 150 23.90 28.26 -25.27
CA GLN B 150 25.02 29.11 -25.67
C GLN B 150 26.14 28.39 -26.42
N ASN B 151 26.72 29.10 -27.39
CA ASN B 151 27.98 28.74 -28.03
C ASN B 151 28.11 27.28 -28.51
N GLY B 152 26.99 26.67 -28.90
CA GLY B 152 26.98 25.31 -29.43
C GLY B 152 27.08 24.18 -28.41
N GLU B 153 27.20 24.53 -27.12
CA GLU B 153 27.32 23.49 -26.08
C GLU B 153 25.96 22.92 -25.68
N LEU B 154 25.97 21.71 -25.13
CA LEU B 154 24.76 21.10 -24.62
C LEU B 154 24.32 21.77 -23.34
N GLY B 155 23.01 21.80 -23.13
CA GLY B 155 22.44 22.30 -21.87
C GLY B 155 22.81 21.41 -20.70
N SER B 156 22.68 21.97 -19.50
CA SER B 156 22.93 21.23 -18.27
C SER B 156 21.72 21.43 -17.38
N SER B 157 21.29 20.36 -16.70
CA SER B 157 20.17 20.45 -15.79
C SER B 157 20.40 21.48 -14.69
N SER B 158 21.67 21.64 -14.29
CA SER B 158 22.03 22.60 -13.25
C SER B 158 21.58 24.02 -13.60
N ASN B 159 21.52 24.32 -14.90
CA ASN B 159 21.18 25.66 -15.37
C ASN B 159 19.69 25.94 -15.59
N TRP B 160 18.85 24.97 -15.28
CA TRP B 160 17.41 25.22 -15.25
C TRP B 160 17.15 25.89 -13.91
N GLN B 161 16.72 27.14 -13.95
CA GLN B 161 16.73 28.00 -12.77
C GLN B 161 15.40 28.03 -12.07
N LEU B 162 15.46 28.10 -10.74
CA LEU B 162 14.29 28.31 -9.91
C LEU B 162 14.31 29.78 -9.56
N ASP B 163 13.50 30.56 -10.27
CA ASP B 163 13.54 32.02 -10.10
C ASP B 163 12.98 32.43 -8.74
N PRO B 164 13.79 33.15 -7.92
CA PRO B 164 13.35 33.54 -6.59
C PRO B 164 12.07 34.37 -6.57
N MET B 165 11.92 35.29 -7.52
CA MET B 165 10.76 36.15 -7.54
C MET B 165 9.50 35.38 -7.96
N GLU B 166 9.65 34.48 -8.93
CA GLU B 166 8.55 33.59 -9.32
C GLU B 166 8.13 32.69 -8.17
N LEU B 167 9.11 32.06 -7.53
CA LEU B 167 8.82 31.17 -6.41
C LEU B 167 8.15 31.92 -5.26
N ALA B 168 8.72 33.07 -4.89
CA ALA B 168 8.14 33.85 -3.79
C ALA B 168 6.69 34.25 -4.09
N GLY B 169 6.41 34.58 -5.35
CA GLY B 169 5.07 35.00 -5.76
C GLY B 169 4.04 33.88 -5.67
N LYS B 170 4.50 32.65 -5.62
CA LYS B 170 3.61 31.49 -5.56
C LYS B 170 3.15 31.19 -4.14
N PHE B 171 3.92 31.60 -3.14
CA PHE B 171 3.52 31.43 -1.75
C PHE B 171 2.42 32.41 -1.37
N THR B 172 1.39 31.88 -0.70
CA THR B 172 0.28 32.68 -0.19
C THR B 172 -0.09 32.18 1.20
N SER B 173 -1.09 32.83 1.81
CA SER B 173 -1.62 32.37 3.10
C SER B 173 -2.30 30.99 2.99
N ARG B 174 -2.61 30.55 1.77
CA ARG B 174 -3.27 29.25 1.56
C ARG B 174 -2.28 28.10 1.34
N THR B 175 -1.00 28.43 1.18
CA THR B 175 0.02 27.39 0.93
C THR B 175 0.20 26.47 2.14
N LYS B 176 -0.01 25.17 1.93
CA LYS B 176 0.17 24.18 2.98
C LYS B 176 1.52 23.50 2.85
N ALA B 177 1.94 23.22 1.62
CA ALA B 177 3.11 22.41 1.37
C ALA B 177 3.77 22.79 0.05
N LEU B 178 5.06 22.52 -0.06
CA LEU B 178 5.79 22.61 -1.32
C LEU B 178 6.41 21.23 -1.53
N VAL B 179 6.30 20.70 -2.75
CA VAL B 179 6.89 19.40 -3.06
C VAL B 179 8.21 19.62 -3.78
N LEU B 180 9.29 19.15 -3.16
CA LEU B 180 10.62 19.26 -3.76
C LEU B 180 11.09 17.88 -4.16
N ASN B 181 11.57 17.74 -5.39
CA ASN B 181 12.10 16.46 -5.85
C ASN B 181 13.53 16.68 -6.31
N THR B 182 14.49 16.18 -5.53
CA THR B 182 15.89 16.27 -5.93
C THR B 182 16.63 15.01 -5.51
N PRO B 183 17.43 14.41 -6.42
CA PRO B 183 17.54 14.72 -7.84
C PRO B 183 16.19 14.59 -8.53
N ASN B 184 15.93 15.47 -9.49
CA ASN B 184 14.62 15.57 -10.15
C ASN B 184 14.43 14.52 -11.26
N ASN B 185 13.28 13.85 -11.26
CA ASN B 185 12.76 13.11 -12.40
C ASN B 185 11.69 14.03 -13.00
N PRO B 186 11.78 14.36 -14.31
CA PRO B 186 12.58 13.78 -15.39
C PRO B 186 13.90 14.47 -15.75
N LEU B 187 14.19 15.62 -15.14
CA LEU B 187 15.22 16.52 -15.64
C LEU B 187 16.64 16.11 -15.24
N GLY B 188 16.76 15.48 -14.07
CA GLY B 188 18.06 15.09 -13.53
C GLY B 188 18.81 16.22 -12.85
N LYS B 189 18.11 17.29 -12.52
CA LYS B 189 18.69 18.40 -11.75
C LYS B 189 18.95 18.00 -10.30
N VAL B 190 20.13 18.37 -9.80
CA VAL B 190 20.51 18.17 -8.42
C VAL B 190 20.50 19.57 -7.80
N PHE B 191 19.55 19.84 -6.91
CA PHE B 191 19.39 21.18 -6.37
C PHE B 191 20.61 21.56 -5.53
N SER B 192 21.09 22.79 -5.73
CA SER B 192 22.26 23.29 -5.02
C SER B 192 21.89 23.73 -3.62
N ARG B 193 22.90 23.93 -2.77
CA ARG B 193 22.65 24.45 -1.44
C ARG B 193 21.92 25.80 -1.51
N GLU B 194 22.34 26.66 -2.44
CA GLU B 194 21.72 27.98 -2.59
C GLU B 194 20.24 27.87 -2.96
N GLU B 195 19.91 26.95 -3.87
CA GLU B 195 18.53 26.72 -4.25
C GLU B 195 17.71 26.19 -3.07
N LEU B 196 18.31 25.29 -2.30
CA LEU B 196 17.64 24.74 -1.11
C LEU B 196 17.43 25.79 -0.01
N GLU B 197 18.40 26.70 0.11
CA GLU B 197 18.27 27.79 1.07
C GLU B 197 17.14 28.74 0.69
N LEU B 198 16.95 28.95 -0.61
CA LEU B 198 15.83 29.74 -1.10
C LEU B 198 14.48 29.10 -0.73
N VAL B 199 14.35 27.82 -1.01
CA VAL B 199 13.14 27.08 -0.66
C VAL B 199 12.90 27.10 0.86
N ALA B 200 13.97 26.82 1.62
CA ALA B 200 13.89 26.80 3.09
C ALA B 200 13.45 28.14 3.67
N SER B 201 14.00 29.23 3.14
CA SER B 201 13.67 30.57 3.65
C SER B 201 12.18 30.88 3.46
N LEU B 202 11.64 30.54 2.30
CA LEU B 202 10.23 30.78 2.03
C LEU B 202 9.30 29.85 2.83
N CYS B 203 9.72 28.61 3.01
CA CYS B 203 8.93 27.67 3.80
C CYS B 203 8.86 28.12 5.25
N GLN B 204 9.97 28.66 5.76
CA GLN B 204 9.99 29.19 7.13
C GLN B 204 9.18 30.47 7.23
N GLN B 205 9.35 31.37 6.26
CA GLN B 205 8.63 32.65 6.23
C GLN B 205 7.12 32.45 6.29
N HIS B 206 6.62 31.52 5.47
CA HIS B 206 5.19 31.29 5.30
C HIS B 206 4.63 30.14 6.14
N ASP B 207 5.49 29.52 6.93
CA ASP B 207 5.11 28.36 7.74
C ASP B 207 4.47 27.27 6.86
N VAL B 208 5.29 26.74 5.96
CA VAL B 208 4.86 25.75 4.97
C VAL B 208 5.69 24.50 5.21
N VAL B 209 5.08 23.33 5.00
CA VAL B 209 5.81 22.05 5.10
C VAL B 209 6.46 21.71 3.76
N CYS B 210 7.72 21.30 3.80
CA CYS B 210 8.40 20.81 2.61
C CYS B 210 8.32 19.29 2.55
N ILE B 211 7.64 18.76 1.52
CA ILE B 211 7.64 17.34 1.24
C ILE B 211 8.75 17.11 0.23
N THR B 212 9.82 16.42 0.64
CA THR B 212 11.00 16.27 -0.21
C THR B 212 11.22 14.81 -0.64
N ASP B 213 11.11 14.62 -1.95
CA ASP B 213 11.18 13.31 -2.57
C ASP B 213 12.63 13.15 -3.01
N GLU B 214 13.37 12.33 -2.24
CA GLU B 214 14.80 12.15 -2.44
C GLU B 214 15.13 10.72 -2.90
N VAL B 215 14.23 10.14 -3.69
CA VAL B 215 14.41 8.74 -4.03
C VAL B 215 15.72 8.47 -4.80
N TYR B 216 16.18 9.46 -5.58
CA TYR B 216 17.41 9.31 -6.38
C TYR B 216 18.67 9.82 -5.67
N GLN B 217 18.59 9.95 -4.35
CA GLN B 217 19.70 10.47 -3.51
C GLN B 217 21.09 9.98 -3.88
N TRP B 218 21.22 8.68 -4.18
CA TRP B 218 22.53 8.09 -4.42
C TRP B 218 23.01 8.23 -5.84
N MET B 219 22.07 8.57 -6.73
CA MET B 219 22.36 8.67 -8.15
C MET B 219 22.76 10.09 -8.49
N VAL B 220 24.00 10.43 -8.13
CA VAL B 220 24.57 11.75 -8.43
C VAL B 220 25.89 11.58 -9.18
N TYR B 221 26.16 12.51 -10.10
CA TYR B 221 27.30 12.40 -11.01
C TYR B 221 28.20 13.64 -10.96
N ASP B 222 29.38 13.50 -11.54
CA ASP B 222 30.27 14.64 -11.84
C ASP B 222 30.68 15.41 -10.59
N GLY B 223 30.76 14.72 -9.45
CA GLY B 223 31.11 15.34 -8.18
C GLY B 223 30.02 16.15 -7.52
N HIS B 224 28.81 16.15 -8.09
CA HIS B 224 27.69 16.85 -7.46
C HIS B 224 27.22 16.11 -6.21
N GLN B 225 26.96 16.88 -5.15
CA GLN B 225 26.56 16.31 -3.87
C GLN B 225 25.06 16.42 -3.67
N HIS B 226 24.44 15.34 -3.20
CA HIS B 226 23.05 15.41 -2.76
C HIS B 226 23.01 16.11 -1.42
N ILE B 227 22.19 17.16 -1.35
CA ILE B 227 21.94 17.84 -0.09
C ILE B 227 20.46 17.69 0.26
N SER B 228 20.20 17.22 1.48
CA SER B 228 18.84 17.08 1.98
C SER B 228 18.38 18.35 2.65
N ILE B 229 17.24 18.87 2.22
CA ILE B 229 16.73 20.11 2.80
C ILE B 229 16.46 20.00 4.29
N ALA B 230 16.09 18.81 4.76
CA ALA B 230 15.86 18.60 6.19
C ALA B 230 17.11 18.81 7.04
N SER B 231 18.28 18.78 6.42
CA SER B 231 19.56 18.99 7.12
C SER B 231 19.90 20.46 7.33
N LEU B 232 19.20 21.35 6.62
CA LEU B 232 19.40 22.80 6.77
C LEU B 232 18.83 23.33 8.09
N PRO B 233 19.43 24.42 8.62
CA PRO B 233 18.93 25.00 9.87
C PRO B 233 17.42 25.26 9.87
N GLY B 234 16.76 24.79 10.92
CA GLY B 234 15.35 25.05 11.10
C GLY B 234 14.40 24.24 10.24
N MET B 235 14.94 23.32 9.42
CA MET B 235 14.08 22.62 8.46
C MET B 235 13.57 21.26 8.92
N TRP B 236 14.26 20.63 9.85
CA TRP B 236 13.78 19.33 10.36
C TRP B 236 12.33 19.41 10.84
N GLU B 237 11.98 20.48 11.55
CA GLU B 237 10.67 20.61 12.14
C GLU B 237 9.54 20.86 11.14
N ARG B 238 9.88 21.09 9.87
CA ARG B 238 8.86 21.32 8.86
C ARG B 238 9.07 20.54 7.55
N THR B 239 9.82 19.44 7.63
CA THR B 239 10.16 18.68 6.41
C THR B 239 9.78 17.21 6.57
N LEU B 240 9.24 16.63 5.49
CA LEU B 240 9.10 15.19 5.39
C LEU B 240 10.00 14.71 4.28
N THR B 241 10.89 13.76 4.60
CA THR B 241 11.89 13.27 3.66
C THR B 241 11.53 11.84 3.25
N ILE B 242 11.41 11.64 1.94
CA ILE B 242 10.95 10.38 1.35
C ILE B 242 12.09 9.66 0.62
N GLY B 243 12.18 8.35 0.84
CA GLY B 243 13.10 7.51 0.10
C GLY B 243 12.45 6.24 -0.40
N SER B 244 13.17 5.54 -1.27
CA SER B 244 12.69 4.33 -1.93
C SER B 244 13.78 3.27 -1.95
N ALA B 245 13.48 2.09 -1.40
CA ALA B 245 14.44 0.99 -1.48
C ALA B 245 14.66 0.56 -2.92
N GLY B 246 13.60 0.61 -3.73
CA GLY B 246 13.69 0.21 -5.14
C GLY B 246 14.72 1.03 -5.90
N1 LLP B 247 9.41 9.65 -6.82
C2 LLP B 247 10.12 9.70 -7.99
C2' LLP B 247 10.71 11.02 -8.40
C3 LLP B 247 10.29 8.55 -8.75
O3 LLP B 247 10.94 8.59 -9.82
C4 LLP B 247 9.74 7.34 -8.30
C4' LLP B 247 10.22 6.02 -8.88
C5 LLP B 247 8.98 7.32 -7.12
C6 LLP B 247 8.82 8.48 -6.37
C5' LLP B 247 8.33 6.06 -6.62
OP4 LLP B 247 9.10 5.24 -5.76
P LLP B 247 8.65 3.71 -5.51
OP1 LLP B 247 9.52 3.31 -4.39
OP2 LLP B 247 8.92 2.96 -6.76
OP3 LLP B 247 7.20 3.76 -5.17
N LLP B 247 14.71 2.34 -5.70
CA LLP B 247 15.67 3.21 -6.37
CB LLP B 247 15.13 4.64 -6.47
CG LLP B 247 13.68 4.76 -7.03
CD LLP B 247 13.50 4.24 -8.45
CE LLP B 247 12.03 4.42 -8.90
NZ LLP B 247 11.55 5.86 -8.90
C LLP B 247 17.06 3.20 -5.72
O LLP B 247 18.05 3.58 -6.34
N THR B 248 17.12 2.79 -4.46
CA THR B 248 18.40 2.73 -3.74
C THR B 248 19.17 1.46 -4.10
N PHE B 249 18.48 0.31 -4.16
CA PHE B 249 19.12 -0.96 -4.40
C PHE B 249 18.78 -1.59 -5.75
N SER B 250 18.30 -0.78 -6.69
CA SER B 250 18.07 -1.24 -8.06
C SER B 250 17.12 -2.44 -8.08
N ALA B 251 16.03 -2.31 -7.34
CA ALA B 251 15.07 -3.39 -7.14
C ALA B 251 13.67 -2.79 -7.04
N THR B 252 13.23 -2.20 -8.15
CA THR B 252 12.00 -1.40 -8.13
C THR B 252 10.76 -2.22 -7.76
N GLY B 253 10.80 -3.51 -8.06
CA GLY B 253 9.69 -4.41 -7.73
C GLY B 253 9.53 -4.73 -6.26
N TRP B 254 10.48 -4.30 -5.42
CA TRP B 254 10.36 -4.52 -3.98
C TRP B 254 9.31 -3.59 -3.35
N LYS B 255 9.15 -2.39 -3.91
CA LYS B 255 8.13 -1.42 -3.47
C LYS B 255 8.14 -1.21 -1.94
N VAL B 256 9.33 -0.88 -1.43
CA VAL B 256 9.48 -0.48 -0.02
C VAL B 256 10.02 0.95 0.00
N GLY B 257 9.36 1.81 0.77
CA GLY B 257 9.81 3.19 0.95
C GLY B 257 9.67 3.62 2.39
N TRP B 258 10.01 4.88 2.64
CA TRP B 258 9.90 5.42 3.99
C TRP B 258 9.74 6.93 3.96
N VAL B 259 9.23 7.44 5.07
CA VAL B 259 9.20 8.87 5.35
C VAL B 259 9.93 9.10 6.67
N LEU B 260 10.73 10.15 6.70
CA LEU B 260 11.44 10.59 7.89
C LEU B 260 10.96 11.98 8.25
N GLY B 261 10.72 12.24 9.53
CA GLY B 261 10.31 13.59 9.90
C GLY B 261 10.01 13.68 11.38
N PRO B 262 9.69 14.90 11.86
CA PRO B 262 9.43 15.13 13.27
C PRO B 262 8.10 14.54 13.71
N ASP B 263 8.01 14.17 14.99
CA ASP B 263 6.82 13.53 15.52
C ASP B 263 5.52 14.32 15.31
N HIS B 264 5.56 15.64 15.43
CA HIS B 264 4.30 16.40 15.38
C HIS B 264 3.66 16.39 13.98
N ILE B 265 4.46 16.05 12.98
CA ILE B 265 3.95 15.86 11.61
C ILE B 265 3.71 14.36 11.40
N MET B 266 4.69 13.52 11.77
CA MET B 266 4.64 12.08 11.48
C MET B 266 3.44 11.39 12.11
N LYS B 267 2.98 11.88 13.26
CA LYS B 267 1.83 11.25 13.91
C LYS B 267 0.61 11.23 12.98
N HIS B 268 0.48 12.26 12.14
CA HIS B 268 -0.63 12.33 11.22
C HIS B 268 -0.47 11.36 10.05
N LEU B 269 0.78 11.16 9.61
CA LEU B 269 1.05 10.13 8.61
C LEU B 269 0.78 8.74 9.18
N ARG B 270 1.12 8.54 10.45
CA ARG B 270 0.79 7.26 11.10
C ARG B 270 -0.71 7.03 11.13
N THR B 271 -1.50 8.08 11.37
CA THR B 271 -2.97 7.96 11.33
C THR B 271 -3.45 7.49 9.94
N VAL B 272 -2.92 8.09 8.89
CA VAL B 272 -3.28 7.65 7.53
C VAL B 272 -2.89 6.18 7.33
N HIS B 273 -1.67 5.83 7.73
CA HIS B 273 -1.15 4.49 7.55
C HIS B 273 -2.01 3.42 8.21
N GLN B 274 -2.39 3.66 9.46
CA GLN B 274 -3.14 2.65 10.23
C GLN B 274 -4.56 2.50 9.69
N ASN B 275 -5.03 3.53 8.98
CA ASN B 275 -6.36 3.51 8.38
C ASN B 275 -6.38 3.20 6.87
N SER B 276 -5.26 2.72 6.34
CA SER B 276 -5.19 2.39 4.93
C SER B 276 -4.62 0.98 4.81
N VAL B 277 -3.31 0.84 4.83
CA VAL B 277 -2.69 -0.50 4.65
C VAL B 277 -2.40 -1.26 5.94
N PHE B 278 -2.22 -0.54 7.04
CA PHE B 278 -1.93 -1.08 8.37
C PHE B 278 -0.53 -1.68 8.53
N HIS B 279 -0.17 -2.64 7.69
CA HIS B 279 1.19 -3.21 7.72
C HIS B 279 1.80 -3.12 6.35
N CYS B 280 3.13 -3.02 6.30
CA CYS B 280 3.85 -3.31 5.09
C CYS B 280 4.34 -4.76 5.13
N PRO B 281 4.60 -5.36 3.97
CA PRO B 281 5.07 -6.76 3.98
C PRO B 281 6.33 -6.92 4.81
N THR B 282 6.45 -8.05 5.50
CA THR B 282 7.55 -8.23 6.46
C THR B 282 8.89 -8.54 5.80
N GLN B 283 8.88 -9.45 4.85
CA GLN B 283 10.15 -10.02 4.39
C GLN B 283 10.96 -9.05 3.54
N SER B 284 10.30 -8.28 2.66
CA SER B 284 11.02 -7.26 1.92
C SER B 284 11.62 -6.20 2.85
N GLN B 285 10.92 -5.85 3.93
CA GLN B 285 11.48 -4.93 4.94
C GLN B 285 12.77 -5.50 5.54
N ALA B 286 12.77 -6.81 5.84
CA ALA B 286 13.96 -7.46 6.37
C ALA B 286 15.10 -7.43 5.37
N ALA B 287 14.77 -7.64 4.09
CA ALA B 287 15.77 -7.55 3.02
C ALA B 287 16.37 -6.15 2.93
N VAL B 288 15.52 -5.12 3.01
CA VAL B 288 16.01 -3.74 2.94
C VAL B 288 16.86 -3.39 4.15
N ALA B 289 16.47 -3.87 5.33
CA ALA B 289 17.26 -3.60 6.53
C ALA B 289 18.67 -4.18 6.39
N GLU B 290 18.74 -5.44 5.94
CA GLU B 290 20.04 -6.09 5.76
C GLU B 290 20.90 -5.37 4.71
N SER B 291 20.25 -4.90 3.66
CA SER B 291 20.94 -4.19 2.59
C SER B 291 21.53 -2.87 3.10
N PHE B 292 20.76 -2.13 3.88
CA PHE B 292 21.27 -0.88 4.45
C PHE B 292 22.38 -1.12 5.46
N GLU B 293 22.30 -2.22 6.20
CA GLU B 293 23.34 -2.53 7.18
C GLU B 293 24.66 -2.76 6.44
N ARG B 294 24.58 -3.44 5.31
CA ARG B 294 25.77 -3.72 4.47
C ARG B 294 26.37 -2.40 4.02
N GLU B 295 25.53 -1.49 3.54
CA GLU B 295 26.03 -0.25 2.98
C GLU B 295 26.52 0.73 4.03
N GLN B 296 25.89 0.73 5.21
CA GLN B 296 26.37 1.54 6.33
C GLN B 296 27.80 1.13 6.73
N LEU B 297 28.04 -0.18 6.81
CA LEU B 297 29.37 -0.70 7.16
C LEU B 297 30.45 -0.28 6.17
N LEU B 298 30.07 -0.20 4.90
CA LEU B 298 31.02 0.12 3.84
C LEU B 298 30.94 1.58 3.41
N PHE B 299 30.28 2.42 4.20
CA PHE B 299 29.99 3.79 3.78
C PHE B 299 31.24 4.55 3.31
N ARG B 300 31.14 5.10 2.10
CA ARG B 300 32.21 5.87 1.44
C ARG B 300 33.45 5.07 1.06
N GLN B 301 33.40 3.75 1.22
CA GLN B 301 34.50 2.88 0.81
C GLN B 301 34.37 2.49 -0.67
N PRO B 302 35.48 2.18 -1.35
CA PRO B 302 35.43 1.91 -2.80
C PRO B 302 34.58 0.73 -3.21
N SER B 303 34.41 -0.23 -2.31
CA SER B 303 33.66 -1.43 -2.64
C SER B 303 32.15 -1.27 -2.40
N SER B 304 31.73 -0.15 -1.82
CA SER B 304 30.30 0.04 -1.53
C SER B 304 29.49 0.28 -2.79
N TYR B 305 28.24 -0.18 -2.78
CA TYR B 305 27.35 0.02 -3.91
C TYR B 305 27.11 1.50 -4.17
N PHE B 306 26.98 2.28 -3.09
CA PHE B 306 26.67 3.70 -3.26
C PHE B 306 27.84 4.51 -3.87
N VAL B 307 29.02 3.91 -3.91
CA VAL B 307 30.16 4.50 -4.62
C VAL B 307 30.23 3.93 -6.04
N GLN B 308 30.23 2.60 -6.14
CA GLN B 308 30.42 1.91 -7.42
C GLN B 308 29.28 2.16 -8.41
N PHE B 309 28.05 2.09 -7.92
CA PHE B 309 26.92 2.10 -8.84
C PHE B 309 26.74 3.44 -9.60
N PRO B 310 26.75 4.59 -8.89
CA PRO B 310 26.67 5.87 -9.63
C PRO B 310 27.83 6.09 -10.60
N GLN B 311 29.02 5.58 -10.25
CA GLN B 311 30.15 5.68 -11.18
C GLN B 311 29.90 4.88 -12.45
N ALA B 312 29.35 3.67 -12.30
CA ALA B 312 29.00 2.85 -13.45
C ALA B 312 27.91 3.51 -14.28
N MET B 313 26.90 4.05 -13.62
CA MET B 313 25.80 4.67 -14.36
C MET B 313 26.18 5.98 -15.02
N GLN B 314 27.17 6.67 -14.46
CA GLN B 314 27.71 7.87 -15.09
C GLN B 314 28.29 7.53 -16.47
N ARG B 315 28.94 6.37 -16.57
CA ARG B 315 29.48 5.90 -17.85
C ARG B 315 28.36 5.62 -18.85
N CYS B 316 27.26 5.04 -18.37
CA CYS B 316 26.11 4.79 -19.24
C CYS B 316 25.48 6.09 -19.70
N ARG B 317 25.38 7.06 -18.79
CA ARG B 317 24.88 8.38 -19.13
C ARG B 317 25.72 8.98 -20.25
N ASP B 318 27.05 8.93 -20.10
CA ASP B 318 27.95 9.56 -21.07
C ASP B 318 27.83 8.88 -22.44
N HIS B 319 27.71 7.56 -22.41
CA HIS B 319 27.52 6.76 -23.61
C HIS B 319 26.25 7.23 -24.32
N MET B 320 25.16 7.37 -23.56
CA MET B 320 23.89 7.72 -24.16
C MET B 320 23.91 9.15 -24.70
N ILE B 321 24.54 10.05 -23.95
CA ILE B 321 24.68 11.44 -24.43
C ILE B 321 25.38 11.52 -25.79
N ARG B 322 26.48 10.79 -25.93
CA ARG B 322 27.19 10.77 -27.20
C ARG B 322 26.37 10.13 -28.31
N SER B 323 25.75 8.99 -28.00
CA SER B 323 25.00 8.25 -29.01
C SER B 323 23.80 9.02 -29.54
N LEU B 324 23.02 9.62 -28.65
CA LEU B 324 21.80 10.30 -29.10
C LEU B 324 22.05 11.50 -30.01
N GLN B 325 23.20 12.16 -29.83
CA GLN B 325 23.57 13.26 -30.72
C GLN B 325 23.77 12.86 -32.17
N SER B 326 24.06 11.58 -32.42
CA SER B 326 24.33 11.09 -33.78
C SER B 326 23.13 11.23 -34.72
N VAL B 327 21.94 11.34 -34.14
CA VAL B 327 20.74 11.54 -34.95
C VAL B 327 20.13 12.92 -34.80
N GLY B 328 20.81 13.81 -34.08
CA GLY B 328 20.33 15.19 -33.96
C GLY B 328 19.51 15.49 -32.72
N LEU B 329 19.35 14.50 -31.83
CA LEU B 329 18.74 14.78 -30.52
C LEU B 329 19.72 15.56 -29.65
N LYS B 330 19.23 16.51 -28.86
CA LYS B 330 20.12 17.40 -28.08
C LYS B 330 19.96 17.17 -26.58
N PRO B 331 20.78 16.29 -26.00
CA PRO B 331 20.66 15.99 -24.57
C PRO B 331 20.92 17.19 -23.70
N ILE B 332 20.24 17.24 -22.55
CA ILE B 332 20.54 18.16 -21.47
C ILE B 332 21.24 17.31 -20.43
N ILE B 333 22.45 17.68 -20.05
CA ILE B 333 23.27 16.79 -19.22
C ILE B 333 22.71 16.79 -17.79
N PRO B 334 22.32 15.61 -17.30
CA PRO B 334 21.83 15.53 -15.93
C PRO B 334 22.95 15.37 -14.91
N GLN B 335 22.74 15.92 -13.72
CA GLN B 335 23.69 15.74 -12.63
C GLN B 335 23.29 14.60 -11.71
N GLY B 336 22.09 14.05 -11.91
CA GLY B 336 21.63 12.95 -11.07
C GLY B 336 20.41 12.27 -11.67
N SER B 337 19.89 11.28 -10.93
CA SER B 337 18.73 10.45 -11.36
C SER B 337 19.08 9.38 -12.38
N TYR B 338 18.08 8.58 -12.75
CA TYR B 338 18.17 7.57 -13.81
C TYR B 338 18.05 8.14 -15.21
N PHE B 339 17.76 9.44 -15.32
CA PHE B 339 17.22 10.00 -16.55
C PHE B 339 17.99 11.15 -17.14
N LEU B 340 17.84 11.30 -18.46
CA LEU B 340 18.18 12.54 -19.14
C LEU B 340 17.05 12.89 -20.07
N ILE B 341 16.93 14.16 -20.39
CA ILE B 341 15.98 14.59 -21.40
C ILE B 341 16.73 15.13 -22.60
N THR B 342 16.15 14.95 -23.78
CA THR B 342 16.71 15.53 -25.00
C THR B 342 15.70 16.51 -25.61
N ASP B 343 16.22 17.65 -26.05
CA ASP B 343 15.46 18.63 -26.81
C ASP B 343 15.23 18.06 -28.22
N ILE B 344 13.98 18.08 -28.67
CA ILE B 344 13.62 17.62 -30.02
C ILE B 344 13.15 18.79 -30.90
N SER B 345 13.49 20.00 -30.49
CA SER B 345 13.04 21.20 -31.22
C SER B 345 13.42 21.19 -32.70
N ASP B 346 14.59 20.64 -33.03
CA ASP B 346 15.00 20.58 -34.44
C ASP B 346 14.07 19.67 -35.23
N PHE B 347 13.65 18.57 -34.62
CA PHE B 347 12.68 17.69 -35.25
C PHE B 347 11.32 18.38 -35.37
N LYS B 348 10.89 19.09 -34.32
CA LYS B 348 9.61 19.78 -34.38
C LYS B 348 9.58 20.79 -35.53
N ARG B 349 10.69 21.48 -35.70
CA ARG B 349 10.81 22.52 -36.75
C ARG B 349 10.80 21.89 -38.15
N LYS B 350 11.61 20.85 -38.34
CA LYS B 350 11.79 20.25 -39.67
C LYS B 350 10.75 19.20 -40.01
N MET B 351 10.17 18.58 -38.99
CA MET B 351 9.17 17.53 -39.18
C MET B 351 7.93 17.82 -38.32
N PRO B 352 7.22 18.92 -38.61
CA PRO B 352 6.12 19.35 -37.73
C PRO B 352 4.82 18.55 -37.80
N ASP B 353 4.60 17.80 -38.89
CA ASP B 353 3.25 17.30 -39.19
C ASP B 353 2.97 15.82 -38.86
N LEU B 354 3.43 15.39 -37.69
CA LEU B 354 3.19 14.03 -37.23
C LEU B 354 1.73 13.82 -36.89
N PRO B 355 1.17 12.63 -37.19
CA PRO B 355 -0.20 12.42 -36.81
C PRO B 355 -0.37 12.38 -35.30
N GLY B 356 -1.56 12.78 -34.86
CA GLY B 356 -1.94 12.81 -33.47
C GLY B 356 -3.25 13.53 -33.36
N ALA B 357 -3.82 13.57 -32.16
CA ALA B 357 -5.05 14.33 -31.92
C ALA B 357 -4.83 15.82 -32.11
N VAL B 358 -5.92 16.57 -32.27
CA VAL B 358 -5.85 18.01 -32.59
C VAL B 358 -5.00 18.81 -31.59
N ASP B 359 -5.15 18.54 -30.30
CA ASP B 359 -4.40 19.31 -29.28
C ASP B 359 -3.11 18.62 -28.83
N GLU B 360 -2.80 17.46 -29.40
CA GLU B 360 -1.73 16.60 -28.89
C GLU B 360 -0.34 17.23 -28.94
N PRO B 361 0.32 17.37 -27.76
CA PRO B 361 1.69 17.86 -27.73
C PRO B 361 2.61 17.11 -28.68
N TYR B 362 3.48 17.87 -29.33
CA TYR B 362 4.41 17.32 -30.30
C TYR B 362 5.22 16.13 -29.75
N ASP B 363 5.71 16.24 -28.53
CA ASP B 363 6.52 15.16 -27.98
C ASP B 363 5.81 13.81 -27.93
N ARG B 364 4.52 13.82 -27.59
CA ARG B 364 3.74 12.57 -27.57
C ARG B 364 3.66 11.99 -28.97
N ARG B 365 3.44 12.85 -29.95
CA ARG B 365 3.38 12.40 -31.35
C ARG B 365 4.75 11.87 -31.78
N PHE B 366 5.81 12.58 -31.40
CA PHE B 366 7.17 12.20 -31.77
C PHE B 366 7.58 10.84 -31.16
N VAL B 367 7.23 10.62 -29.89
CA VAL B 367 7.52 9.34 -29.26
C VAL B 367 6.83 8.18 -29.99
N LYS B 368 5.56 8.36 -30.38
CA LYS B 368 4.84 7.29 -31.08
C LYS B 368 5.53 6.97 -32.41
N TRP B 369 5.93 8.01 -33.11
CA TRP B 369 6.63 7.88 -34.38
C TRP B 369 7.98 7.18 -34.18
N MET B 370 8.70 7.58 -33.12
CA MET B 370 9.99 6.96 -32.85
C MET B 370 9.90 5.47 -32.49
N ILE B 371 8.91 5.11 -31.69
CA ILE B 371 8.72 3.72 -31.30
C ILE B 371 8.44 2.88 -32.53
N LYS B 372 7.48 3.31 -33.34
CA LYS B 372 6.98 2.52 -34.47
C LYS B 372 8.00 2.42 -35.57
N ASN B 373 8.75 3.50 -35.82
CA ASN B 373 9.61 3.60 -37.00
C ASN B 373 11.11 3.48 -36.75
N LYS B 374 11.56 3.89 -35.57
CA LYS B 374 12.98 3.85 -35.23
C LYS B 374 13.35 2.78 -34.18
N GLY B 375 12.35 2.22 -33.51
CA GLY B 375 12.59 1.14 -32.57
C GLY B 375 13.19 1.58 -31.24
N LEU B 376 12.94 2.83 -30.85
CA LEU B 376 13.43 3.38 -29.59
C LEU B 376 12.25 3.93 -28.79
N VAL B 377 12.20 3.58 -27.51
CA VAL B 377 11.20 4.15 -26.60
C VAL B 377 11.78 5.27 -25.75
N ALA B 378 11.06 6.39 -25.69
CA ALA B 378 11.32 7.43 -24.68
C ALA B 378 9.97 7.86 -24.12
N ILE B 379 9.98 8.74 -23.12
CA ILE B 379 8.74 9.22 -22.52
C ILE B 379 8.57 10.70 -22.85
N PRO B 380 7.38 11.10 -23.33
CA PRO B 380 7.19 12.54 -23.62
C PRO B 380 7.21 13.35 -22.32
N VAL B 381 7.98 14.43 -22.30
CA VAL B 381 8.17 15.20 -21.07
C VAL B 381 6.94 16.04 -20.72
N SER B 382 6.04 16.24 -21.69
CA SER B 382 4.83 17.00 -21.42
C SER B 382 3.94 16.39 -20.32
N ILE B 383 4.09 15.08 -20.06
CA ILE B 383 3.33 14.48 -18.96
C ILE B 383 3.75 14.98 -17.57
N PHE B 384 4.90 15.65 -17.52
CA PHE B 384 5.46 16.19 -16.27
C PHE B 384 5.20 17.69 -16.15
N TYR B 385 4.25 18.18 -16.95
CA TYR B 385 3.81 19.57 -16.89
C TYR B 385 2.30 19.67 -16.63
N SER B 386 1.92 20.78 -15.97
CA SER B 386 0.51 21.14 -15.86
C SER B 386 -0.08 21.26 -17.27
N VAL B 387 -1.37 20.95 -17.40
CA VAL B 387 -2.00 20.93 -18.72
C VAL B 387 -1.85 22.25 -19.49
N PRO B 388 -2.13 23.41 -18.86
CA PRO B 388 -1.91 24.69 -19.57
C PRO B 388 -0.49 24.92 -20.10
N HIS B 389 0.49 24.24 -19.53
CA HIS B 389 1.88 24.43 -19.95
C HIS B 389 2.37 23.38 -20.94
N GLN B 390 1.59 22.32 -21.14
CA GLN B 390 2.02 21.24 -22.02
C GLN B 390 2.28 21.69 -23.46
N LYS B 391 1.49 22.65 -23.96
CA LYS B 391 1.68 23.14 -25.34
C LYS B 391 2.99 23.90 -25.48
N HIS B 392 3.52 24.40 -24.38
CA HIS B 392 4.73 25.21 -24.38
C HIS B 392 5.98 24.37 -24.11
N PHE B 393 5.82 23.30 -23.35
CA PHE B 393 6.93 22.42 -23.04
C PHE B 393 6.65 21.07 -23.69
N ASP B 394 6.56 21.12 -25.01
CA ASP B 394 6.17 19.98 -25.83
C ASP B 394 7.34 19.43 -26.66
N HIS B 395 8.56 19.86 -26.35
CA HIS B 395 9.70 19.56 -27.20
C HIS B 395 10.88 18.87 -26.48
N TYR B 396 10.56 18.09 -25.46
CA TYR B 396 11.53 17.26 -24.77
C TYR B 396 11.00 15.84 -24.62
N ILE B 397 11.93 14.89 -24.64
CA ILE B 397 11.62 13.50 -24.32
C ILE B 397 12.62 12.98 -23.31
N ARG B 398 12.19 12.00 -22.51
CA ARG B 398 12.99 11.46 -21.41
C ARG B 398 13.48 10.05 -21.73
N PHE B 399 14.80 9.85 -21.60
CA PHE B 399 15.44 8.56 -21.75
C PHE B 399 15.97 8.11 -20.38
N CYS B 400 15.99 6.80 -20.18
CA CYS B 400 16.61 6.19 -19.01
C CYS B 400 17.86 5.41 -19.43
N PHE B 401 18.99 5.75 -18.80
CA PHE B 401 20.29 5.19 -19.21
C PHE B 401 20.79 4.12 -18.25
N VAL B 402 19.97 3.77 -17.26
CA VAL B 402 20.33 2.76 -16.26
C VAL B 402 19.99 1.40 -16.88
N LYS B 403 20.86 0.98 -17.80
CA LYS B 403 20.62 -0.18 -18.66
C LYS B 403 21.88 -1.01 -18.83
N ASP B 404 21.67 -2.28 -19.16
CA ASP B 404 22.75 -3.24 -19.42
C ASP B 404 23.58 -2.82 -20.63
N GLU B 405 24.85 -3.24 -20.66
CA GLU B 405 25.71 -2.98 -21.82
C GLU B 405 25.05 -3.41 -23.13
N ALA B 406 24.43 -4.58 -23.12
CA ALA B 406 23.77 -5.14 -24.30
C ALA B 406 22.64 -4.24 -24.81
N THR B 407 21.94 -3.60 -23.89
CA THR B 407 20.83 -2.72 -24.25
C THR B 407 21.35 -1.46 -24.92
N LEU B 408 22.41 -0.90 -24.36
CA LEU B 408 23.05 0.26 -24.97
C LEU B 408 23.63 -0.06 -26.35
N GLN B 409 24.17 -1.27 -26.52
CA GLN B 409 24.63 -1.70 -27.85
C GLN B 409 23.45 -1.80 -28.84
N ALA B 410 22.33 -2.35 -28.36
CA ALA B 410 21.12 -2.45 -29.17
C ALA B 410 20.57 -1.06 -29.53
N MET B 411 20.66 -0.12 -28.59
CA MET B 411 20.29 1.27 -28.86
C MET B 411 21.13 1.81 -30.01
N ASP B 412 22.44 1.57 -29.95
CA ASP B 412 23.34 2.07 -31.00
C ASP B 412 23.01 1.49 -32.38
N GLU B 413 22.57 0.23 -32.41
CA GLU B 413 22.17 -0.40 -33.69
C GLU B 413 20.98 0.37 -34.28
N LYS B 414 19.97 0.66 -33.44
CA LYS B 414 18.82 1.46 -33.88
C LYS B 414 19.24 2.85 -34.37
N LEU B 415 20.14 3.49 -33.63
CA LEU B 415 20.54 4.86 -33.95
C LEU B 415 21.33 4.92 -35.25
N ARG B 416 22.17 3.92 -35.49
CA ARG B 416 22.91 3.88 -36.74
C ARG B 416 22.00 3.76 -37.94
N LYS B 417 20.96 2.94 -37.82
CA LYS B 417 19.93 2.81 -38.86
C LYS B 417 19.17 4.11 -39.10
N TRP B 418 18.84 4.79 -38.02
CA TRP B 418 18.15 6.08 -38.10
C TRP B 418 19.02 7.12 -38.81
N LYS B 419 20.31 7.13 -38.50
CA LYS B 419 21.24 8.11 -39.08
C LYS B 419 21.31 8.00 -40.62
N VAL B 420 21.26 6.77 -41.12
CA VAL B 420 21.25 6.51 -42.58
C VAL B 420 20.06 7.20 -43.27
N GLU B 421 18.91 7.21 -42.61
CA GLU B 421 17.71 7.81 -43.20
C GLU B 421 17.29 9.17 -42.63
N LEU B 422 18.26 9.97 -42.17
CA LEU B 422 17.96 11.29 -41.59
C LEU B 422 17.48 12.32 -42.62
C TRS C . -6.88 -9.49 12.32
C1 TRS C . -6.04 -8.24 12.14
C2 TRS C . -7.62 -9.55 13.66
C3 TRS C . -5.97 -10.70 12.16
N TRS C . -7.93 -9.52 11.28
O1 TRS C . -5.46 -8.16 10.82
O2 TRS C . -8.56 -8.49 13.82
O3 TRS C . -6.65 -11.82 11.56
NA NA D . -30.67 4.60 -3.40
NA NA E . 1.17 30.63 6.04
#